data_4FNA
#
_entry.id   4FNA
#
_cell.length_a   207.507
_cell.length_b   207.507
_cell.length_c   162.817
_cell.angle_alpha   90.00
_cell.angle_beta   90.00
_cell.angle_gamma   90.00
#
_symmetry.space_group_name_H-M   'I 4 2 2'
#
loop_
_entity.id
_entity.type
_entity.pdbx_description
1 polymer 'Ferric hydroxamate receptor 2'
2 non-polymer 'SULFATE ION'
#
_entity_poly.entity_id   1
_entity_poly.type   'polypeptide(L)'
_entity_poly.pdbx_seq_one_letter_code
;GSNNKAETKSYKMDDGKTVDIPKDPKRIAVVAPTYAGGLKKLGANIVAVNQQVDQSKVLKDKFKGVTKIGDGDVEKVAKE
KPDLIIVYSTDKDIKKYQKVAPTVVVDYNKHKYLEQQEMLGKIVGKEDKVKAWKKDWEETTAKDGKEIKKAIGQDATVSL
FDEFDKKLYTYGDNWGRGGEVLYQAFGLKMQPEQQKLTAKAGWAEVKQEEIEKYAGDYIVSTSEGKPTPGYESTNMWKNL
KATKEGHIVKVDAGTYWYNDPYTLDFMRKDLKEKLIKAAK
;
_entity_poly.pdbx_strand_id   A,B,C
#
# COMPACT_ATOMS: atom_id res chain seq x y z
N ASN A 3 -55.06 14.15 10.15
CA ASN A 3 -54.08 13.80 9.13
C ASN A 3 -54.26 14.61 7.83
N ASN A 4 -53.13 14.94 7.21
CA ASN A 4 -53.10 15.69 5.96
C ASN A 4 -52.09 15.04 5.01
N LYS A 5 -52.48 14.82 3.75
CA LYS A 5 -51.63 14.17 2.76
C LYS A 5 -50.25 14.85 2.73
N ALA A 6 -49.23 14.14 3.20
CA ALA A 6 -47.88 14.69 3.36
C ALA A 6 -47.21 14.97 2.02
N GLU A 7 -46.44 16.06 1.98
CA GLU A 7 -45.92 16.60 0.71
C GLU A 7 -44.97 15.64 -0.01
N THR A 8 -44.81 15.85 -1.32
CA THR A 8 -43.96 15.00 -2.15
C THR A 8 -42.60 15.57 -2.50
N LYS A 9 -41.78 14.69 -3.08
CA LYS A 9 -40.46 15.00 -3.60
C LYS A 9 -40.29 14.12 -4.83
N SER A 10 -39.94 14.71 -5.97
CA SER A 10 -39.70 13.92 -7.16
C SER A 10 -38.29 13.33 -7.18
N TYR A 11 -38.19 12.06 -7.53
CA TYR A 11 -36.93 11.33 -7.47
C TYR A 11 -36.52 10.72 -8.81
N LYS A 12 -35.27 10.95 -9.23
CA LYS A 12 -34.76 10.34 -10.45
C LYS A 12 -34.19 8.99 -10.10
N MET A 13 -34.60 7.97 -10.85
CA MET A 13 -34.15 6.62 -10.56
C MET A 13 -32.94 6.24 -11.42
N ASP A 14 -32.54 4.97 -11.34
CA ASP A 14 -31.39 4.49 -12.10
C ASP A 14 -31.70 4.46 -13.60
N ASP A 15 -32.98 4.53 -13.93
CA ASP A 15 -33.42 4.50 -15.33
C ASP A 15 -34.34 5.68 -15.66
N GLY A 16 -35.63 5.49 -15.42
CA GLY A 16 -36.61 6.55 -15.61
C GLY A 16 -36.31 7.63 -14.61
N LYS A 17 -36.37 8.88 -15.06
CA LYS A 17 -35.83 9.95 -14.26
C LYS A 17 -36.96 10.73 -13.59
N THR A 18 -38.01 10.01 -13.17
CA THR A 18 -39.17 10.62 -12.54
C THR A 18 -40.03 9.62 -11.75
N VAL A 19 -40.04 9.74 -10.43
CA VAL A 19 -41.04 9.11 -9.54
C VAL A 19 -41.26 9.96 -8.29
N ASP A 20 -42.52 10.12 -7.89
CA ASP A 20 -42.89 10.95 -6.76
C ASP A 20 -43.01 10.11 -5.50
N ILE A 21 -42.33 10.53 -4.44
CA ILE A 21 -42.27 9.73 -3.21
C ILE A 21 -42.48 10.54 -1.92
N PRO A 22 -42.90 9.87 -0.83
CA PRO A 22 -43.04 10.54 0.46
C PRO A 22 -41.80 11.33 0.86
N LYS A 23 -41.99 12.48 1.50
CA LYS A 23 -40.87 13.24 2.05
C LYS A 23 -40.32 12.52 3.29
N ASP A 24 -41.20 12.08 4.19
CA ASP A 24 -40.73 11.28 5.31
C ASP A 24 -41.57 10.01 5.38
N PRO A 25 -41.22 9.01 4.55
CA PRO A 25 -41.98 7.76 4.50
C PRO A 25 -42.00 7.05 5.86
N LYS A 26 -43.20 6.62 6.28
CA LYS A 26 -43.39 6.04 7.61
C LYS A 26 -43.82 4.57 7.53
N ARG A 27 -44.03 4.07 6.31
CA ARG A 27 -44.29 2.64 6.13
C ARG A 27 -43.60 2.11 4.89
N ILE A 28 -42.29 1.89 4.97
CA ILE A 28 -41.57 1.41 3.78
C ILE A 28 -41.49 -0.11 3.76
N ALA A 29 -41.80 -0.67 2.59
CA ALA A 29 -41.63 -2.09 2.33
C ALA A 29 -40.52 -2.27 1.32
N VAL A 30 -39.51 -3.04 1.70
CA VAL A 30 -38.43 -3.38 0.80
C VAL A 30 -38.47 -4.86 0.43
N VAL A 31 -38.50 -5.13 -0.86
CA VAL A 31 -38.41 -6.50 -1.31
C VAL A 31 -36.97 -6.70 -1.80
N ALA A 32 -36.14 -5.69 -1.55
CA ALA A 32 -34.75 -5.60 -2.02
C ALA A 32 -33.76 -5.51 -0.84
N PRO A 33 -33.33 -6.67 -0.33
CA PRO A 33 -32.70 -6.76 0.99
C PRO A 33 -31.40 -5.95 1.11
N THR A 34 -30.83 -5.64 -0.04
CA THR A 34 -29.61 -4.82 -0.12
C THR A 34 -29.81 -3.52 0.66
N TYR A 35 -31.00 -2.98 0.55
CA TYR A 35 -31.27 -1.65 1.05
C TYR A 35 -31.87 -1.65 2.47
N ALA A 36 -32.38 -2.81 2.89
CA ALA A 36 -32.94 -3.01 4.22
C ALA A 36 -32.11 -2.42 5.36
N GLY A 37 -30.98 -3.04 5.68
CA GLY A 37 -30.16 -2.56 6.77
C GLY A 37 -29.73 -1.11 6.61
N GLY A 38 -29.48 -0.71 5.37
CA GLY A 38 -29.09 0.66 5.08
C GLY A 38 -30.11 1.67 5.55
N LEU A 39 -31.38 1.38 5.29
CA LEU A 39 -32.48 2.25 5.70
C LEU A 39 -32.74 2.19 7.21
N LYS A 40 -32.67 1.00 7.79
CA LYS A 40 -32.86 0.91 9.23
C LYS A 40 -31.83 1.73 9.99
N LYS A 41 -30.59 1.77 9.52
CA LYS A 41 -29.56 2.54 10.19
C LYS A 41 -29.96 4.02 10.14
N LEU A 42 -30.65 4.38 9.08
CA LEU A 42 -31.14 5.76 8.94
C LEU A 42 -32.38 6.01 9.83
N GLY A 43 -32.93 4.95 10.40
CA GLY A 43 -34.01 5.06 11.37
C GLY A 43 -35.41 5.20 10.80
N ALA A 44 -35.52 5.24 9.48
CA ALA A 44 -36.81 5.26 8.81
C ALA A 44 -37.61 4.00 9.14
N ASN A 45 -38.92 4.09 9.01
CA ASN A 45 -39.78 2.97 9.39
C ASN A 45 -39.94 1.93 8.29
N ILE A 46 -39.57 0.70 8.61
CA ILE A 46 -39.70 -0.41 7.69
C ILE A 46 -40.84 -1.32 8.13
N VAL A 47 -41.84 -1.44 7.27
CA VAL A 47 -42.98 -2.29 7.57
C VAL A 47 -42.81 -3.69 7.01
N ALA A 48 -42.13 -3.79 5.87
CA ALA A 48 -41.94 -5.07 5.23
C ALA A 48 -40.57 -5.23 4.60
N VAL A 49 -39.94 -6.36 4.87
CA VAL A 49 -38.59 -6.64 4.41
C VAL A 49 -38.52 -8.00 3.74
N ASN A 50 -37.74 -8.10 2.68
CA ASN A 50 -37.52 -9.38 2.00
C ASN A 50 -36.99 -10.44 2.98
N GLN A 51 -37.49 -11.67 2.88
CA GLN A 51 -37.19 -12.71 3.88
C GLN A 51 -35.72 -13.15 3.85
N GLN A 52 -35.08 -12.94 2.70
CA GLN A 52 -33.69 -13.30 2.46
C GLN A 52 -32.74 -12.74 3.52
N VAL A 53 -33.15 -11.68 4.20
CA VAL A 53 -32.31 -11.05 5.21
C VAL A 53 -32.09 -12.02 6.35
N ASP A 54 -32.94 -13.03 6.46
CA ASP A 54 -32.83 -14.07 7.50
C ASP A 54 -31.66 -15.02 7.32
N GLN A 55 -30.72 -14.64 6.46
CA GLN A 55 -29.56 -15.46 6.16
C GLN A 55 -28.35 -14.78 6.74
N SER A 56 -28.56 -13.52 7.11
CA SER A 56 -27.54 -12.72 7.74
C SER A 56 -27.78 -12.78 9.24
N LYS A 57 -26.89 -13.47 9.96
CA LYS A 57 -26.96 -13.51 11.42
C LYS A 57 -27.06 -12.10 12.00
N VAL A 58 -26.64 -11.10 11.24
CA VAL A 58 -26.73 -9.71 11.67
C VAL A 58 -28.11 -9.15 11.39
N LEU A 59 -28.60 -9.36 10.17
CA LEU A 59 -29.87 -8.78 9.77
C LEU A 59 -31.05 -9.62 10.22
N LYS A 60 -30.80 -10.89 10.51
CA LYS A 60 -31.88 -11.74 11.00
C LYS A 60 -32.32 -11.11 12.28
N ASP A 61 -31.33 -10.81 13.12
CA ASP A 61 -31.57 -10.18 14.41
C ASP A 61 -32.07 -8.72 14.32
N LYS A 62 -31.65 -7.96 13.31
CA LYS A 62 -32.12 -6.56 13.16
C LYS A 62 -33.56 -6.45 12.64
N PHE A 63 -34.10 -7.55 12.12
CA PHE A 63 -35.47 -7.58 11.59
C PHE A 63 -36.32 -8.68 12.22
N LYS A 64 -36.38 -8.72 13.55
CA LYS A 64 -37.23 -9.71 14.24
C LYS A 64 -38.70 -9.36 14.10
N GLY A 65 -39.49 -10.38 13.81
CA GLY A 65 -40.93 -10.23 13.81
C GLY A 65 -41.48 -9.38 12.68
N VAL A 66 -40.61 -8.70 11.95
CA VAL A 66 -41.10 -7.84 10.87
C VAL A 66 -41.65 -8.70 9.75
N THR A 67 -42.82 -8.33 9.26
CA THR A 67 -43.50 -9.06 8.19
C THR A 67 -42.57 -9.31 7.01
N LYS A 68 -42.25 -10.59 6.79
CA LYS A 68 -41.29 -10.99 5.77
C LYS A 68 -41.94 -11.39 4.44
N ILE A 69 -41.49 -10.78 3.35
CA ILE A 69 -42.06 -11.01 2.05
C ILE A 69 -41.19 -11.97 1.26
N GLY A 70 -41.81 -12.76 0.40
CA GLY A 70 -41.08 -13.51 -0.59
C GLY A 70 -40.84 -12.53 -1.72
N ASP A 71 -40.22 -12.97 -2.80
CA ASP A 71 -40.05 -12.06 -3.91
C ASP A 71 -41.26 -12.22 -4.82
N GLY A 72 -41.82 -11.11 -5.26
CA GLY A 72 -42.99 -11.16 -6.12
C GLY A 72 -44.32 -11.39 -5.40
N ASP A 73 -44.28 -11.46 -4.08
CA ASP A 73 -45.51 -11.66 -3.31
C ASP A 73 -46.28 -10.36 -3.12
N VAL A 74 -46.77 -9.84 -4.25
CA VAL A 74 -47.50 -8.56 -4.32
C VAL A 74 -48.78 -8.57 -3.48
N GLU A 75 -49.43 -9.72 -3.45
CA GLU A 75 -50.64 -9.90 -2.68
C GLU A 75 -50.38 -9.55 -1.21
N LYS A 76 -49.43 -10.27 -0.61
CA LYS A 76 -49.11 -10.13 0.81
C LYS A 76 -48.60 -8.74 1.22
N VAL A 77 -47.94 -8.02 0.30
CA VAL A 77 -47.35 -6.70 0.62
C VAL A 77 -48.39 -5.61 0.81
N ALA A 78 -49.31 -5.51 -0.14
CA ALA A 78 -50.33 -4.49 -0.09
C ALA A 78 -51.08 -4.52 1.26
N LYS A 79 -51.23 -5.70 1.85
CA LYS A 79 -51.93 -5.84 3.13
C LYS A 79 -51.31 -4.95 4.22
N GLU A 80 -50.11 -4.43 3.98
CA GLU A 80 -49.49 -3.57 4.97
C GLU A 80 -49.54 -2.13 4.54
N LYS A 81 -50.20 -1.90 3.41
CA LYS A 81 -50.37 -0.54 2.86
C LYS A 81 -49.14 0.35 3.10
N PRO A 82 -48.08 0.11 2.33
CA PRO A 82 -46.85 0.91 2.51
C PRO A 82 -46.92 2.24 1.74
N ASP A 83 -46.42 3.31 2.37
CA ASP A 83 -46.36 4.63 1.73
C ASP A 83 -45.26 4.68 0.68
N LEU A 84 -44.30 3.76 0.78
CA LEU A 84 -43.16 3.66 -0.13
C LEU A 84 -42.68 2.22 -0.28
N ILE A 85 -42.42 1.82 -1.51
CA ILE A 85 -41.94 0.48 -1.79
C ILE A 85 -40.62 0.49 -2.57
N ILE A 86 -39.69 -0.42 -2.20
CA ILE A 86 -38.40 -0.53 -2.88
C ILE A 86 -38.12 -1.92 -3.51
N VAL A 87 -37.81 -1.87 -4.80
CA VAL A 87 -37.58 -3.06 -5.62
C VAL A 87 -36.32 -2.97 -6.48
N TYR A 88 -35.68 -4.10 -6.72
CA TYR A 88 -34.57 -4.12 -7.65
C TYR A 88 -35.10 -3.83 -9.03
N SER A 89 -34.27 -3.22 -9.85
CA SER A 89 -34.59 -2.99 -11.25
C SER A 89 -34.87 -4.31 -11.98
N THR A 90 -34.21 -5.36 -11.57
CA THR A 90 -34.37 -6.65 -12.23
C THR A 90 -35.63 -7.37 -11.74
N ASP A 91 -36.51 -6.64 -11.06
CA ASP A 91 -37.71 -7.21 -10.47
C ASP A 91 -38.79 -7.49 -11.52
N LYS A 92 -39.58 -8.53 -11.27
CA LYS A 92 -40.58 -9.02 -12.20
C LYS A 92 -41.82 -8.12 -12.25
N ASP A 93 -42.37 -7.86 -11.06
CA ASP A 93 -43.61 -7.12 -10.89
C ASP A 93 -43.38 -5.62 -10.76
N ILE A 94 -42.41 -5.09 -11.51
CA ILE A 94 -42.07 -3.67 -11.44
C ILE A 94 -43.29 -2.75 -11.60
N LYS A 95 -44.16 -3.08 -12.55
CA LYS A 95 -45.38 -2.30 -12.77
C LYS A 95 -46.48 -2.52 -11.71
N LYS A 96 -46.75 -3.78 -11.39
CA LYS A 96 -47.77 -4.14 -10.40
C LYS A 96 -47.56 -3.48 -9.04
N TYR A 97 -46.30 -3.22 -8.70
CA TYR A 97 -45.96 -2.57 -7.44
C TYR A 97 -46.23 -1.07 -7.53
N GLN A 98 -45.98 -0.49 -8.69
CA GLN A 98 -46.22 0.92 -8.91
C GLN A 98 -47.68 1.27 -8.62
N LYS A 99 -48.53 0.24 -8.72
CA LYS A 99 -49.96 0.39 -8.49
C LYS A 99 -50.24 0.29 -7.00
N VAL A 100 -49.55 -0.61 -6.32
CA VAL A 100 -49.76 -0.81 -4.88
C VAL A 100 -49.36 0.45 -4.10
N ALA A 101 -48.24 1.05 -4.47
CA ALA A 101 -47.75 2.26 -3.82
C ALA A 101 -46.72 2.91 -4.75
N PRO A 102 -46.22 4.10 -4.40
CA PRO A 102 -45.16 4.60 -5.27
C PRO A 102 -43.88 3.80 -5.02
N THR A 103 -43.23 3.35 -6.09
CA THR A 103 -42.05 2.50 -5.94
C THR A 103 -40.84 3.04 -6.68
N VAL A 104 -39.67 2.66 -6.17
CA VAL A 104 -38.40 3.00 -6.78
C VAL A 104 -37.71 1.74 -7.22
N VAL A 105 -37.40 1.62 -8.51
CA VAL A 105 -36.56 0.51 -8.94
C VAL A 105 -35.10 0.93 -8.78
N VAL A 106 -34.31 0.05 -8.14
CA VAL A 106 -32.89 0.33 -7.95
C VAL A 106 -32.15 -0.68 -8.77
N ASP A 107 -31.20 -0.22 -9.57
CA ASP A 107 -30.39 -1.12 -10.36
C ASP A 107 -29.25 -1.56 -9.46
N TYR A 108 -29.31 -2.80 -8.97
CA TYR A 108 -28.32 -3.31 -8.01
C TYR A 108 -26.89 -2.96 -8.40
N ASN A 109 -26.63 -3.11 -9.70
CA ASN A 109 -25.32 -2.95 -10.31
C ASN A 109 -24.85 -1.52 -10.54
N LYS A 110 -25.59 -0.54 -10.04
CA LYS A 110 -25.12 0.82 -10.15
C LYS A 110 -24.87 1.35 -8.75
N HIS A 111 -24.77 0.43 -7.78
CA HIS A 111 -24.62 0.83 -6.37
C HIS A 111 -23.78 -0.09 -5.46
N LYS A 112 -22.61 0.44 -5.06
CA LYS A 112 -21.62 -0.27 -4.24
C LYS A 112 -21.83 0.01 -2.75
N TYR A 113 -20.75 0.25 -2.00
CA TYR A 113 -20.87 0.19 -0.54
C TYR A 113 -21.22 1.49 0.18
N LEU A 114 -20.45 2.55 -0.03
CA LEU A 114 -20.76 3.79 0.67
C LEU A 114 -21.66 4.62 -0.23
N GLU A 115 -21.37 4.58 -1.52
CA GLU A 115 -22.20 5.30 -2.48
C GLU A 115 -23.65 4.88 -2.37
N GLN A 116 -23.90 3.59 -2.14
CA GLN A 116 -25.26 3.12 -2.06
C GLN A 116 -25.90 3.50 -0.75
N GLN A 117 -25.10 3.76 0.28
CA GLN A 117 -25.69 4.30 1.50
C GLN A 117 -26.05 5.74 1.31
N GLU A 118 -25.25 6.48 0.56
CA GLU A 118 -25.65 7.80 0.11
C GLU A 118 -26.90 7.67 -0.77
N MET A 119 -26.91 6.70 -1.68
CA MET A 119 -28.05 6.48 -2.57
C MET A 119 -29.36 6.36 -1.78
N LEU A 120 -29.33 5.55 -0.73
CA LEU A 120 -30.45 5.47 0.19
C LEU A 120 -30.68 6.78 0.95
N GLY A 121 -29.60 7.49 1.26
CA GLY A 121 -29.66 8.77 1.92
C GLY A 121 -30.45 9.76 1.09
N LYS A 122 -30.25 9.70 -0.22
CA LYS A 122 -30.94 10.61 -1.12
C LYS A 122 -32.44 10.38 -1.09
N ILE A 123 -32.85 9.17 -0.75
CA ILE A 123 -34.28 8.85 -0.71
C ILE A 123 -35.05 9.40 0.51
N VAL A 124 -34.60 9.08 1.71
CA VAL A 124 -35.37 9.48 2.86
C VAL A 124 -34.93 10.86 3.35
N GLY A 125 -34.25 11.62 2.47
CA GLY A 125 -33.90 12.99 2.78
C GLY A 125 -32.87 13.15 3.89
N LYS A 126 -32.54 12.05 4.58
CA LYS A 126 -31.55 12.04 5.65
C LYS A 126 -30.11 11.99 5.09
N GLU A 127 -29.86 12.88 4.14
CA GLU A 127 -28.63 13.00 3.38
C GLU A 127 -27.39 13.16 4.24
N ASP A 128 -27.57 13.89 5.34
CA ASP A 128 -26.50 14.19 6.29
C ASP A 128 -26.37 13.14 7.41
N LYS A 129 -27.41 12.30 7.58
CA LYS A 129 -27.29 11.26 8.59
C LYS A 129 -26.25 10.25 8.10
N VAL A 130 -26.20 10.06 6.78
CA VAL A 130 -25.19 9.21 6.14
C VAL A 130 -23.83 9.88 6.04
N LYS A 131 -23.78 11.10 5.49
CA LYS A 131 -22.54 11.88 5.38
C LYS A 131 -21.79 11.85 6.71
N ALA A 132 -22.53 12.01 7.81
CA ALA A 132 -21.97 11.92 9.15
C ALA A 132 -21.38 10.54 9.45
N TRP A 133 -22.20 9.50 9.25
CA TRP A 133 -21.82 8.11 9.57
C TRP A 133 -20.68 7.63 8.73
N LYS A 134 -20.77 7.99 7.46
CA LYS A 134 -19.77 7.71 6.47
C LYS A 134 -18.43 8.20 7.00
N LYS A 135 -18.38 9.45 7.41
CA LYS A 135 -17.14 10.04 7.91
C LYS A 135 -16.59 9.27 9.11
N ASP A 136 -17.49 8.78 9.95
CA ASP A 136 -17.15 7.98 11.14
C ASP A 136 -16.44 6.67 10.76
N TRP A 137 -17.12 5.88 9.93
CA TRP A 137 -16.57 4.65 9.37
C TRP A 137 -15.24 4.88 8.70
N GLU A 138 -15.20 5.81 7.75
CA GLU A 138 -13.97 6.14 7.03
C GLU A 138 -12.81 6.31 8.01
N GLU A 139 -13.05 7.01 9.12
CA GLU A 139 -12.03 7.24 10.16
C GLU A 139 -11.62 5.95 10.91
N THR A 140 -12.61 5.18 11.36
CA THR A 140 -12.35 4.05 12.25
C THR A 140 -11.58 2.91 11.63
N THR A 141 -12.15 2.43 10.54
CA THR A 141 -11.69 1.27 9.83
C THR A 141 -10.25 1.53 9.45
N ALA A 142 -10.02 2.75 9.02
CA ALA A 142 -8.69 3.20 8.63
C ALA A 142 -7.70 3.06 9.77
N LYS A 143 -8.09 3.52 10.96
CA LYS A 143 -7.21 3.38 12.11
C LYS A 143 -7.09 1.92 12.49
N ASP A 144 -8.19 1.18 12.35
CA ASP A 144 -8.16 -0.26 12.60
C ASP A 144 -7.11 -0.92 11.73
N GLY A 145 -7.14 -0.54 10.45
CA GLY A 145 -6.18 -1.03 9.48
C GLY A 145 -4.78 -0.87 10.05
N LYS A 146 -4.49 0.33 10.55
CA LYS A 146 -3.19 0.65 11.12
C LYS A 146 -2.80 -0.40 12.14
N GLU A 147 -3.76 -0.76 13.00
CA GLU A 147 -3.57 -1.74 14.07
C GLU A 147 -3.39 -3.16 13.52
N ILE A 148 -4.35 -3.58 12.69
CA ILE A 148 -4.30 -4.89 12.03
C ILE A 148 -3.01 -4.97 11.16
N LYS A 149 -2.62 -3.83 10.56
CA LYS A 149 -1.40 -3.84 9.75
C LYS A 149 -0.20 -4.12 10.66
N LYS A 150 -0.13 -3.47 11.84
CA LYS A 150 0.91 -3.84 12.84
C LYS A 150 0.92 -5.33 13.19
N ALA A 151 -0.28 -5.86 13.40
CA ALA A 151 -0.45 -7.22 13.89
C ALA A 151 0.09 -8.29 12.95
N ILE A 152 -0.32 -8.21 11.68
CA ILE A 152 -0.10 -9.30 10.71
C ILE A 152 1.01 -9.02 9.74
N GLY A 153 1.44 -7.76 9.65
CA GLY A 153 2.48 -7.40 8.72
C GLY A 153 2.07 -6.27 7.82
N GLN A 154 2.89 -5.24 7.69
CA GLN A 154 2.52 -4.07 6.91
C GLN A 154 2.17 -4.37 5.45
N ASP A 155 2.66 -5.50 4.95
CA ASP A 155 2.46 -5.92 3.56
C ASP A 155 1.79 -7.29 3.50
N ALA A 156 1.12 -7.70 4.57
CA ALA A 156 0.55 -9.04 4.52
C ALA A 156 -0.55 -8.98 3.51
N THR A 157 -0.64 -9.99 2.65
CA THR A 157 -1.79 -10.11 1.75
C THR A 157 -2.92 -10.87 2.40
N VAL A 158 -4.16 -10.42 2.18
CA VAL A 158 -5.32 -11.18 2.64
C VAL A 158 -6.18 -11.61 1.46
N SER A 159 -6.38 -12.91 1.35
CA SER A 159 -7.22 -13.46 0.30
C SER A 159 -8.63 -13.73 0.85
N LEU A 160 -9.59 -13.93 -0.04
CA LEU A 160 -10.96 -14.10 0.34
C LEU A 160 -11.56 -15.28 -0.44
N PHE A 161 -11.84 -16.39 0.26
CA PHE A 161 -12.20 -17.63 -0.41
C PHE A 161 -13.52 -18.25 0.03
N ASP A 162 -14.23 -18.81 -0.95
CA ASP A 162 -15.44 -19.59 -0.74
C ASP A 162 -15.27 -21.02 -1.19
N GLU A 163 -15.79 -21.98 -0.44
CA GLU A 163 -15.68 -23.33 -0.96
C GLU A 163 -17.07 -23.85 -1.21
N PHE A 164 -17.50 -23.79 -2.48
CA PHE A 164 -18.78 -24.36 -2.89
C PHE A 164 -18.62 -25.72 -3.56
N ASP A 165 -19.39 -26.71 -3.13
CA ASP A 165 -19.37 -28.05 -3.76
C ASP A 165 -17.98 -28.63 -4.11
N LYS A 166 -17.11 -28.74 -3.11
CA LYS A 166 -15.78 -29.32 -3.29
C LYS A 166 -14.83 -28.54 -4.21
N LYS A 167 -15.27 -27.40 -4.74
CA LYS A 167 -14.45 -26.51 -5.56
C LYS A 167 -14.08 -25.22 -4.80
N LEU A 168 -12.92 -24.61 -5.08
CA LEU A 168 -12.55 -23.39 -4.36
C LEU A 168 -12.76 -22.12 -5.18
N TYR A 169 -13.20 -21.04 -4.55
CA TYR A 169 -13.43 -19.80 -5.32
C TYR A 169 -12.82 -18.57 -4.65
N THR A 170 -12.15 -17.73 -5.41
CA THR A 170 -11.65 -16.52 -4.80
C THR A 170 -12.50 -15.37 -5.34
N TYR A 171 -12.69 -14.30 -4.56
CA TYR A 171 -13.52 -13.18 -5.00
C TYR A 171 -12.76 -12.27 -5.94
N GLY A 172 -13.44 -11.75 -6.96
CA GLY A 172 -12.78 -10.87 -7.91
C GLY A 172 -12.89 -9.38 -7.55
N ASP A 173 -14.11 -8.95 -7.25
CA ASP A 173 -14.43 -7.56 -6.89
C ASP A 173 -13.87 -7.13 -5.53
N ASN A 174 -13.01 -6.14 -5.56
CA ASN A 174 -12.47 -5.54 -4.34
C ASN A 174 -13.44 -4.63 -3.61
N TRP A 175 -14.73 -4.87 -3.80
CA TRP A 175 -15.71 -4.09 -3.08
C TRP A 175 -16.90 -4.90 -2.56
N GLY A 176 -16.77 -6.22 -2.48
CA GLY A 176 -17.88 -6.97 -1.93
C GLY A 176 -17.50 -8.20 -1.17
N ARG A 177 -18.48 -8.71 -0.42
CA ARG A 177 -18.37 -9.98 0.28
C ARG A 177 -17.28 -9.95 1.36
N GLY A 178 -16.93 -8.73 1.81
CA GLY A 178 -15.87 -8.55 2.78
C GLY A 178 -14.83 -7.57 2.30
N GLY A 179 -14.49 -7.70 1.02
CA GLY A 179 -13.49 -6.88 0.36
C GLY A 179 -13.56 -5.40 0.67
N GLU A 180 -14.78 -4.86 0.64
CA GLU A 180 -14.98 -3.46 0.95
C GLU A 180 -14.28 -3.12 2.26
N VAL A 181 -14.47 -3.97 3.26
CA VAL A 181 -13.85 -3.72 4.55
C VAL A 181 -12.38 -4.02 4.56
N LEU A 182 -12.04 -5.23 4.13
CA LEU A 182 -10.66 -5.71 4.15
C LEU A 182 -9.73 -4.77 3.41
N TYR A 183 -10.11 -4.42 2.18
CA TYR A 183 -9.22 -3.71 1.30
C TYR A 183 -9.54 -2.24 1.36
N GLN A 184 -10.77 -1.91 1.01
CA GLN A 184 -11.17 -0.53 0.83
C GLN A 184 -11.35 0.30 2.10
N ALA A 185 -11.57 -0.38 3.23
CA ALA A 185 -11.72 0.26 4.54
C ALA A 185 -10.47 0.14 5.41
N PHE A 186 -10.05 -1.10 5.69
CA PHE A 186 -8.87 -1.40 6.50
C PHE A 186 -7.57 -1.06 5.76
N GLY A 187 -7.52 -1.39 4.48
CA GLY A 187 -6.34 -1.10 3.67
C GLY A 187 -5.34 -2.24 3.60
N LEU A 188 -5.76 -3.43 4.04
CA LEU A 188 -4.90 -4.60 3.91
C LEU A 188 -4.58 -4.98 2.44
N LYS A 189 -3.37 -5.46 2.18
CA LYS A 189 -2.91 -5.73 0.82
C LYS A 189 -3.56 -6.95 0.15
N MET A 190 -3.83 -6.83 -1.16
CA MET A 190 -4.35 -7.95 -1.95
C MET A 190 -3.26 -8.78 -2.52
N GLN A 191 -3.58 -10.04 -2.71
CA GLN A 191 -2.72 -10.97 -3.42
C GLN A 191 -2.57 -10.44 -4.83
N PRO A 192 -1.34 -10.23 -5.32
CA PRO A 192 -1.13 -9.61 -6.64
C PRO A 192 -1.96 -10.27 -7.77
N GLU A 193 -2.03 -11.61 -7.80
CA GLU A 193 -2.80 -12.33 -8.82
C GLU A 193 -4.34 -12.24 -8.66
N GLN A 194 -4.80 -12.17 -7.41
CA GLN A 194 -6.23 -12.14 -7.10
C GLN A 194 -6.67 -10.75 -7.46
N GLN A 195 -5.72 -9.83 -7.37
CA GLN A 195 -5.99 -8.42 -7.55
C GLN A 195 -6.20 -8.14 -9.02
N LYS A 196 -5.57 -9.00 -9.81
CA LYS A 196 -5.61 -8.96 -11.26
C LYS A 196 -6.96 -9.46 -11.78
N LEU A 197 -7.71 -10.18 -10.96
CA LEU A 197 -8.95 -10.78 -11.46
C LEU A 197 -9.97 -9.75 -11.85
N THR A 198 -10.61 -10.02 -12.98
CA THR A 198 -11.49 -9.07 -13.68
C THR A 198 -12.84 -8.81 -13.03
N ALA A 199 -13.40 -9.84 -12.41
CA ALA A 199 -14.68 -9.80 -11.73
C ALA A 199 -14.96 -8.57 -10.85
N LYS A 200 -16.08 -7.84 -11.02
CA LYS A 200 -16.93 -7.74 -12.23
C LYS A 200 -17.49 -9.02 -12.84
N ALA A 201 -17.69 -10.04 -12.02
CA ALA A 201 -18.03 -11.38 -12.50
C ALA A 201 -18.08 -12.29 -11.31
N GLY A 202 -18.87 -13.33 -11.40
CA GLY A 202 -18.97 -14.29 -10.31
C GLY A 202 -17.56 -14.68 -9.92
N TRP A 203 -17.22 -14.48 -8.64
CA TRP A 203 -15.91 -14.86 -8.13
C TRP A 203 -15.47 -16.26 -8.56
N ALA A 204 -14.24 -16.32 -9.08
CA ALA A 204 -13.77 -17.39 -9.96
C ALA A 204 -13.12 -18.54 -9.24
N GLU A 205 -13.37 -19.74 -9.77
CA GLU A 205 -12.86 -20.95 -9.17
C GLU A 205 -11.35 -21.01 -9.30
N VAL A 206 -10.71 -21.38 -8.21
CA VAL A 206 -9.28 -21.56 -8.22
C VAL A 206 -8.98 -23.03 -8.40
N LYS A 207 -8.13 -23.27 -9.40
CA LYS A 207 -7.68 -24.60 -9.73
C LYS A 207 -6.69 -25.14 -8.69
N GLN A 208 -6.67 -26.46 -8.56
CA GLN A 208 -5.88 -27.20 -7.56
C GLN A 208 -4.39 -26.83 -7.55
N GLU A 209 -3.91 -26.23 -8.63
CA GLU A 209 -2.52 -25.93 -8.74
C GLU A 209 -2.29 -24.45 -8.56
N GLU A 210 -3.09 -23.62 -9.25
CA GLU A 210 -2.94 -22.16 -9.17
C GLU A 210 -3.37 -21.56 -7.83
N ILE A 211 -3.54 -22.41 -6.83
CA ILE A 211 -3.99 -21.99 -5.51
C ILE A 211 -2.94 -21.24 -4.70
N GLU A 212 -1.68 -21.65 -4.77
CA GLU A 212 -0.64 -20.92 -4.03
C GLU A 212 -0.53 -19.54 -4.62
N LYS A 213 -0.85 -19.47 -5.92
CA LYS A 213 -0.81 -18.23 -6.66
C LYS A 213 -1.86 -17.24 -6.11
N TYR A 214 -3.02 -17.75 -5.71
CA TYR A 214 -4.14 -16.88 -5.31
C TYR A 214 -4.31 -16.68 -3.82
N ALA A 215 -3.62 -17.49 -3.03
CA ALA A 215 -3.78 -17.47 -1.58
C ALA A 215 -2.93 -16.41 -0.95
N GLY A 216 -3.51 -15.71 0.02
CA GLY A 216 -2.84 -14.61 0.66
C GLY A 216 -2.03 -15.07 1.83
N ASP A 217 -1.36 -14.13 2.47
CA ASP A 217 -0.66 -14.44 3.69
C ASP A 217 -1.66 -14.95 4.73
N TYR A 218 -2.84 -14.32 4.75
CA TYR A 218 -3.97 -14.79 5.53
C TYR A 218 -5.13 -15.02 4.59
N ILE A 219 -6.07 -15.83 5.05
CA ILE A 219 -7.25 -16.11 4.29
C ILE A 219 -8.51 -15.94 5.13
N VAL A 220 -9.51 -15.27 4.57
CA VAL A 220 -10.79 -15.15 5.25
C VAL A 220 -11.66 -16.16 4.54
N SER A 221 -11.82 -17.33 5.11
CA SER A 221 -12.41 -18.39 4.32
C SER A 221 -13.80 -18.70 4.75
N THR A 222 -14.73 -18.66 3.80
CA THR A 222 -16.06 -19.09 4.13
C THR A 222 -16.33 -20.34 3.36
N SER A 223 -17.43 -21.00 3.70
CA SER A 223 -17.77 -22.30 3.16
C SER A 223 -19.26 -22.44 2.95
N GLU A 224 -19.78 -21.71 1.95
CA GLU A 224 -21.21 -21.81 1.60
C GLU A 224 -21.48 -22.93 0.61
N GLY A 225 -20.47 -23.73 0.32
CA GLY A 225 -20.72 -24.97 -0.39
C GLY A 225 -21.66 -25.71 0.52
N LYS A 226 -22.82 -25.12 0.69
CA LYS A 226 -23.78 -25.50 1.69
C LYS A 226 -24.14 -26.98 1.74
N PRO A 227 -24.12 -27.67 0.59
CA PRO A 227 -24.21 -29.13 0.77
C PRO A 227 -23.14 -29.65 1.72
N THR A 228 -22.01 -28.94 1.82
CA THR A 228 -20.92 -29.22 2.77
C THR A 228 -20.48 -30.71 2.98
N PRO A 229 -19.40 -31.14 2.32
CA PRO A 229 -18.88 -32.52 2.40
C PRO A 229 -18.00 -32.78 3.64
N GLY A 230 -17.49 -31.71 4.25
CA GLY A 230 -16.56 -31.87 5.35
C GLY A 230 -15.74 -30.62 5.63
N TYR A 231 -14.66 -30.81 6.39
CA TYR A 231 -13.79 -29.73 6.87
C TYR A 231 -12.75 -29.19 5.87
N GLU A 232 -13.23 -28.42 4.90
CA GLU A 232 -12.41 -27.76 3.85
C GLU A 232 -11.50 -28.69 3.05
N SER A 233 -11.46 -29.97 3.43
CA SER A 233 -10.56 -30.95 2.82
C SER A 233 -9.14 -30.44 2.97
N THR A 234 -8.23 -31.06 2.22
CA THR A 234 -6.85 -30.60 2.20
C THR A 234 -6.17 -31.20 0.99
N ASN A 235 -6.72 -30.89 -0.17
CA ASN A 235 -6.21 -31.34 -1.45
C ASN A 235 -4.74 -30.95 -1.60
N MET A 236 -4.55 -29.70 -2.01
CA MET A 236 -3.26 -29.07 -2.15
C MET A 236 -3.21 -27.97 -1.10
N TRP A 237 -4.31 -27.86 -0.35
CA TRP A 237 -4.48 -26.84 0.68
C TRP A 237 -3.52 -27.09 1.87
N LYS A 238 -2.74 -28.16 1.80
CA LYS A 238 -1.86 -28.54 2.90
C LYS A 238 -0.64 -27.63 3.10
N ASN A 239 -0.04 -27.18 2.00
CA ASN A 239 1.25 -26.49 2.02
C ASN A 239 1.18 -24.97 2.24
N LEU A 240 -0.02 -24.42 2.09
CA LEU A 240 -0.23 -22.96 2.09
C LEU A 240 0.37 -22.25 3.28
N LYS A 241 0.99 -21.12 3.03
CA LYS A 241 1.60 -20.36 4.10
C LYS A 241 0.55 -20.05 5.13
N ALA A 242 -0.63 -19.64 4.69
CA ALA A 242 -1.67 -19.27 5.62
C ALA A 242 -2.04 -20.47 6.49
N THR A 243 -2.19 -21.64 5.86
CA THR A 243 -2.53 -22.84 6.62
C THR A 243 -1.46 -23.16 7.64
N LYS A 244 -0.26 -23.32 7.10
CA LYS A 244 0.93 -23.72 7.83
C LYS A 244 1.16 -22.85 9.07
N GLU A 245 0.75 -21.58 8.97
CA GLU A 245 0.90 -20.61 10.06
C GLU A 245 -0.42 -20.29 10.80
N GLY A 246 -1.51 -20.96 10.43
CA GLY A 246 -2.78 -20.77 11.13
C GLY A 246 -3.51 -19.48 10.81
N HIS A 247 -3.15 -18.92 9.65
CA HIS A 247 -3.68 -17.65 9.19
C HIS A 247 -4.91 -17.73 8.29
N ILE A 248 -5.72 -18.75 8.50
CA ILE A 248 -7.04 -18.82 7.89
C ILE A 248 -8.03 -18.37 8.99
N VAL A 249 -9.06 -17.65 8.60
CA VAL A 249 -10.04 -17.18 9.56
C VAL A 249 -11.38 -17.47 8.91
N LYS A 250 -12.29 -18.06 9.67
CA LYS A 250 -13.59 -18.42 9.11
C LYS A 250 -14.65 -17.35 9.43
N VAL A 251 -15.69 -17.29 8.60
CA VAL A 251 -16.72 -16.25 8.69
C VAL A 251 -18.00 -16.77 8.07
N ASP A 252 -19.14 -16.37 8.64
CA ASP A 252 -20.42 -16.76 8.07
C ASP A 252 -20.62 -16.20 6.68
N ALA A 253 -20.91 -17.10 5.73
CA ALA A 253 -21.08 -16.73 4.34
C ALA A 253 -22.20 -15.73 4.25
N GLY A 254 -23.40 -16.21 4.52
CA GLY A 254 -24.59 -15.43 4.34
C GLY A 254 -24.60 -14.09 5.04
N THR A 255 -23.63 -13.83 5.88
CA THR A 255 -23.67 -12.58 6.58
C THR A 255 -22.93 -11.64 5.70
N TYR A 256 -21.87 -12.17 5.11
CA TYR A 256 -20.96 -11.35 4.37
C TYR A 256 -21.43 -11.05 2.97
N TRP A 257 -22.73 -10.83 2.83
CA TRP A 257 -23.33 -10.65 1.54
C TRP A 257 -23.57 -9.17 1.41
N TYR A 258 -24.36 -8.74 2.37
CA TYR A 258 -24.87 -7.39 2.55
C TYR A 258 -23.82 -6.30 2.82
N ASN A 259 -23.99 -5.16 2.16
CA ASN A 259 -23.07 -4.05 2.34
C ASN A 259 -23.71 -2.95 3.19
N ASP A 260 -24.72 -3.32 3.97
CA ASP A 260 -25.44 -2.33 4.75
C ASP A 260 -24.72 -2.06 6.04
N PRO A 261 -24.76 -0.81 6.51
CA PRO A 261 -24.10 -0.30 7.71
C PRO A 261 -24.16 -1.21 8.92
N TYR A 262 -25.17 -2.05 9.03
CA TYR A 262 -25.16 -2.97 10.15
C TYR A 262 -24.15 -4.10 9.88
N THR A 263 -24.34 -4.79 8.75
CA THR A 263 -23.45 -5.89 8.38
C THR A 263 -22.06 -5.33 8.24
N LEU A 264 -21.93 -4.12 7.69
CA LEU A 264 -20.61 -3.49 7.61
C LEU A 264 -19.91 -3.36 8.98
N ASP A 265 -20.59 -2.70 9.91
CA ASP A 265 -20.01 -2.45 11.22
C ASP A 265 -19.72 -3.75 11.94
N PHE A 266 -20.47 -4.78 11.59
CA PHE A 266 -20.24 -6.11 12.15
C PHE A 266 -18.96 -6.72 11.61
N MET A 267 -18.79 -6.59 10.29
CA MET A 267 -17.63 -7.11 9.57
C MET A 267 -16.39 -6.43 10.07
N ARG A 268 -16.47 -5.14 10.36
CA ARG A 268 -15.32 -4.47 10.95
C ARG A 268 -14.91 -5.19 12.23
N LYS A 269 -15.82 -5.28 13.19
CA LYS A 269 -15.55 -6.03 14.40
C LYS A 269 -15.05 -7.46 14.07
N ASP A 270 -15.88 -8.24 13.38
CA ASP A 270 -15.57 -9.64 13.10
C ASP A 270 -14.17 -9.85 12.48
N LEU A 271 -13.90 -9.12 11.40
CA LEU A 271 -12.62 -9.20 10.73
C LEU A 271 -11.44 -8.83 11.61
N LYS A 272 -11.45 -7.60 12.12
CA LYS A 272 -10.38 -7.10 12.97
C LYS A 272 -10.04 -8.06 14.09
N GLU A 273 -11.03 -8.46 14.86
CA GLU A 273 -10.78 -9.46 15.88
C GLU A 273 -10.07 -10.69 15.29
N LYS A 274 -10.77 -11.39 14.40
CA LYS A 274 -10.36 -12.73 13.89
C LYS A 274 -8.96 -12.83 13.32
N LEU A 275 -8.52 -11.76 12.67
CA LEU A 275 -7.21 -11.68 12.05
C LEU A 275 -6.14 -11.51 13.09
N ILE A 276 -6.29 -10.52 13.96
CA ILE A 276 -5.26 -10.28 14.97
C ILE A 276 -5.08 -11.51 15.85
N LYS A 277 -6.20 -12.16 16.17
CA LYS A 277 -6.15 -13.41 16.88
C LYS A 277 -5.44 -14.42 15.98
N ALA A 278 -5.84 -14.49 14.72
CA ALA A 278 -5.22 -15.45 13.83
C ALA A 278 -3.75 -15.16 13.70
N ALA A 279 -3.35 -13.94 14.00
CA ALA A 279 -1.97 -13.53 13.84
C ALA A 279 -1.11 -13.96 15.02
N LYS A 280 -1.55 -14.98 15.74
CA LYS A 280 -0.91 -15.41 16.98
C LYS A 280 -0.72 -14.21 17.89
N ASN B 3 19.35 -27.96 47.88
CA ASN B 3 18.75 -28.31 46.59
C ASN B 3 17.24 -28.43 46.72
N ASN B 4 16.53 -27.93 45.73
CA ASN B 4 15.09 -28.00 45.77
C ASN B 4 14.61 -28.35 44.38
N LYS B 5 13.80 -29.42 44.28
CA LYS B 5 13.32 -29.89 42.99
C LYS B 5 12.64 -28.74 42.27
N ALA B 6 13.28 -28.24 41.22
CA ALA B 6 12.71 -27.15 40.45
C ALA B 6 11.63 -27.68 39.50
N GLU B 7 10.54 -26.93 39.35
CA GLU B 7 9.38 -27.41 38.59
C GLU B 7 9.72 -27.67 37.12
N THR B 8 9.19 -28.76 36.56
CA THR B 8 9.37 -29.05 35.14
C THR B 8 8.12 -28.71 34.32
N LYS B 9 8.39 -28.30 33.10
CA LYS B 9 7.43 -27.92 32.09
C LYS B 9 7.40 -29.04 31.06
N SER B 10 6.23 -29.55 30.70
CA SER B 10 6.17 -30.54 29.62
C SER B 10 6.16 -29.84 28.25
N TYR B 11 7.04 -30.24 27.34
CA TYR B 11 7.19 -29.46 26.10
C TYR B 11 7.05 -30.27 24.81
N LYS B 12 6.21 -29.76 23.90
CA LYS B 12 6.05 -30.35 22.56
C LYS B 12 7.01 -29.69 21.62
N MET B 13 7.79 -30.50 20.93
CA MET B 13 8.83 -30.02 20.03
C MET B 13 8.38 -29.96 18.55
N ASP B 14 9.35 -29.74 17.68
CA ASP B 14 9.04 -29.71 16.26
C ASP B 14 8.68 -31.08 15.70
N ASP B 15 9.06 -32.12 16.45
CA ASP B 15 8.75 -33.49 16.07
C ASP B 15 8.02 -34.24 17.18
N GLY B 16 8.82 -34.90 18.03
CA GLY B 16 8.32 -35.67 19.17
C GLY B 16 7.58 -34.80 20.15
N LYS B 17 6.48 -35.34 20.65
CA LYS B 17 5.51 -34.53 21.35
C LYS B 17 5.70 -34.64 22.86
N THR B 18 6.96 -34.71 23.29
CA THR B 18 7.28 -34.87 24.71
C THR B 18 8.72 -34.50 25.08
N VAL B 19 8.92 -33.37 25.74
CA VAL B 19 10.19 -33.15 26.43
C VAL B 19 9.96 -32.31 27.67
N ASP B 20 10.61 -32.71 28.76
CA ASP B 20 10.39 -32.03 30.04
C ASP B 20 11.55 -31.07 30.27
N ILE B 21 11.20 -29.81 30.48
CA ILE B 21 12.20 -28.75 30.60
C ILE B 21 11.93 -27.86 31.82
N PRO B 22 12.96 -27.13 32.29
CA PRO B 22 12.75 -26.18 33.38
C PRO B 22 11.56 -25.29 33.11
N LYS B 23 10.75 -25.03 34.13
CA LYS B 23 9.61 -24.11 34.02
C LYS B 23 10.22 -22.73 33.93
N ASP B 24 11.24 -22.53 34.76
CA ASP B 24 12.08 -21.35 34.75
C ASP B 24 13.55 -21.77 34.64
N PRO B 25 14.03 -21.96 33.39
CA PRO B 25 15.43 -22.31 33.10
C PRO B 25 16.42 -21.26 33.59
N LYS B 26 17.48 -21.69 34.27
CA LYS B 26 18.44 -20.74 34.86
C LYS B 26 19.89 -20.91 34.37
N ARG B 27 20.15 -21.98 33.62
CA ARG B 27 21.48 -22.23 33.05
C ARG B 27 21.35 -22.80 31.64
N ILE B 28 21.04 -21.96 30.66
CA ILE B 28 20.79 -22.49 29.31
C ILE B 28 22.06 -22.50 28.51
N ALA B 29 22.32 -23.64 27.87
CA ALA B 29 23.42 -23.77 26.93
C ALA B 29 22.88 -23.82 25.51
N VAL B 30 23.29 -22.86 24.69
CA VAL B 30 22.89 -22.86 23.29
C VAL B 30 24.04 -23.25 22.40
N VAL B 31 23.80 -24.34 21.69
CA VAL B 31 24.73 -24.88 20.77
C VAL B 31 24.22 -24.45 19.40
N ALA B 32 23.13 -23.69 19.41
CA ALA B 32 22.43 -23.27 18.19
C ALA B 32 22.29 -21.75 18.07
N PRO B 33 23.33 -21.05 17.56
CA PRO B 33 23.50 -19.60 17.70
C PRO B 33 22.35 -18.69 17.20
N THR B 34 21.46 -19.24 16.38
CA THR B 34 20.29 -18.50 15.95
C THR B 34 19.54 -17.88 17.14
N TYR B 35 19.48 -18.65 18.23
CA TYR B 35 18.60 -18.33 19.36
C TYR B 35 19.25 -17.53 20.49
N ALA B 36 20.57 -17.56 20.49
CA ALA B 36 21.36 -16.84 21.47
C ALA B 36 20.82 -15.44 21.71
N GLY B 37 20.96 -14.56 20.73
CA GLY B 37 20.48 -13.19 20.86
C GLY B 37 19.00 -13.13 21.23
N GLY B 38 18.22 -14.08 20.72
CA GLY B 38 16.83 -14.14 21.09
C GLY B 38 16.63 -14.35 22.58
N LEU B 39 17.40 -15.30 23.12
CA LEU B 39 17.40 -15.62 24.53
C LEU B 39 18.05 -14.53 25.36
N LYS B 40 19.16 -13.96 24.91
CA LYS B 40 19.70 -12.81 25.62
C LYS B 40 18.70 -11.66 25.66
N LYS B 41 17.97 -11.47 24.57
CA LYS B 41 16.92 -10.45 24.55
C LYS B 41 15.83 -10.74 25.55
N LEU B 42 15.52 -12.01 25.76
CA LEU B 42 14.57 -12.34 26.79
C LEU B 42 15.23 -12.25 28.14
N GLY B 43 16.56 -12.14 28.16
CA GLY B 43 17.23 -11.97 29.43
C GLY B 43 17.47 -13.25 30.19
N ALA B 44 17.16 -14.38 29.57
CA ALA B 44 17.48 -15.70 30.11
C ALA B 44 18.99 -15.96 30.29
N ASN B 45 19.31 -16.89 31.18
CA ASN B 45 20.71 -17.15 31.46
C ASN B 45 21.34 -18.14 30.45
N ILE B 46 22.36 -17.67 29.75
CA ILE B 46 23.12 -18.53 28.86
C ILE B 46 24.44 -18.80 29.57
N VAL B 47 24.69 -20.06 29.90
CA VAL B 47 25.93 -20.48 30.58
C VAL B 47 26.99 -20.97 29.61
N ALA B 48 26.52 -21.47 28.47
CA ALA B 48 27.36 -21.95 27.38
C ALA B 48 26.74 -21.54 26.05
N VAL B 49 27.53 -20.93 25.17
CA VAL B 49 27.03 -20.46 23.89
C VAL B 49 27.96 -20.82 22.74
N ASN B 50 27.37 -21.20 21.62
CA ASN B 50 28.16 -21.51 20.43
C ASN B 50 29.12 -20.40 20.05
N GLN B 51 30.29 -20.80 19.58
CA GLN B 51 31.40 -19.87 19.39
C GLN B 51 31.15 -18.86 18.29
N GLN B 52 30.31 -19.24 17.34
CA GLN B 52 30.06 -18.42 16.16
C GLN B 52 29.58 -17.03 16.48
N VAL B 53 28.93 -16.87 17.62
CA VAL B 53 28.40 -15.57 17.99
C VAL B 53 29.53 -14.56 18.22
N ASP B 54 30.76 -15.08 18.32
CA ASP B 54 31.94 -14.23 18.40
C ASP B 54 32.27 -13.57 17.06
N GLN B 55 31.34 -13.68 16.12
CA GLN B 55 31.53 -13.15 14.78
C GLN B 55 30.38 -12.21 14.32
N SER B 56 29.35 -12.06 15.16
CA SER B 56 28.22 -11.15 14.89
C SER B 56 28.54 -9.78 15.45
N LYS B 57 28.92 -8.86 14.57
CA LYS B 57 29.31 -7.49 14.96
C LYS B 57 28.35 -6.91 16.00
N VAL B 58 27.17 -7.51 16.12
CA VAL B 58 26.17 -7.14 17.11
C VAL B 58 26.39 -7.94 18.41
N LEU B 59 26.59 -9.25 18.23
CA LEU B 59 26.59 -10.17 19.36
C LEU B 59 27.92 -10.41 20.09
N LYS B 60 29.06 -10.06 19.48
CA LYS B 60 30.37 -10.32 20.10
C LYS B 60 30.46 -9.71 21.50
N ASP B 61 30.14 -8.42 21.59
CA ASP B 61 30.17 -7.73 22.88
C ASP B 61 29.05 -8.18 23.86
N LYS B 62 27.93 -8.67 23.33
CA LYS B 62 26.80 -9.08 24.16
C LYS B 62 27.07 -10.37 24.94
N PHE B 63 28.09 -11.13 24.56
CA PHE B 63 28.38 -12.36 25.31
C PHE B 63 29.79 -12.39 25.89
N LYS B 64 30.21 -11.30 26.53
CA LYS B 64 31.51 -11.28 27.20
C LYS B 64 31.46 -12.12 28.47
N GLY B 65 32.54 -12.85 28.73
CA GLY B 65 32.67 -13.64 29.95
C GLY B 65 31.93 -14.96 29.93
N VAL B 66 31.08 -15.13 28.91
CA VAL B 66 30.36 -16.39 28.72
C VAL B 66 31.21 -17.51 28.10
N THR B 67 31.17 -18.69 28.69
CA THR B 67 31.83 -19.86 28.13
C THR B 67 31.38 -20.12 26.69
N LYS B 68 32.33 -20.11 25.76
CA LYS B 68 32.03 -20.35 24.34
C LYS B 68 32.23 -21.83 24.01
N ILE B 69 31.23 -22.46 23.42
CA ILE B 69 31.36 -23.85 23.06
C ILE B 69 31.39 -24.10 21.55
N GLY B 70 32.18 -25.07 21.10
CA GLY B 70 32.07 -25.52 19.72
C GLY B 70 30.90 -26.49 19.70
N ASP B 71 30.58 -27.04 18.54
CA ASP B 71 29.52 -28.04 18.47
C ASP B 71 30.14 -29.42 18.64
N GLY B 72 29.45 -30.29 19.35
CA GLY B 72 29.98 -31.59 19.66
C GLY B 72 30.91 -31.53 20.86
N ASP B 73 31.16 -30.32 21.39
CA ASP B 73 31.93 -30.22 22.64
C ASP B 73 30.98 -30.42 23.81
N VAL B 74 30.32 -31.57 23.85
CA VAL B 74 29.30 -31.89 24.85
C VAL B 74 29.91 -31.82 26.24
N GLU B 75 31.15 -32.27 26.29
CA GLU B 75 32.03 -32.31 27.44
C GLU B 75 32.15 -30.94 28.13
N LYS B 76 32.57 -29.91 27.38
CA LYS B 76 32.69 -28.53 27.88
C LYS B 76 31.30 -27.95 28.29
N VAL B 77 30.24 -28.45 27.66
CA VAL B 77 28.88 -28.01 27.96
C VAL B 77 28.45 -28.53 29.33
N ALA B 78 28.53 -29.85 29.50
CA ALA B 78 28.13 -30.50 30.73
C ALA B 78 28.82 -29.89 31.96
N LYS B 79 30.06 -29.44 31.78
CA LYS B 79 30.82 -28.82 32.84
C LYS B 79 30.17 -27.54 33.38
N GLU B 80 29.10 -27.06 32.75
CA GLU B 80 28.42 -25.86 33.21
C GLU B 80 27.13 -26.21 33.91
N LYS B 81 26.94 -27.52 34.08
CA LYS B 81 25.76 -28.06 34.71
C LYS B 81 24.54 -27.26 34.28
N PRO B 82 24.23 -27.30 32.98
CA PRO B 82 23.16 -26.43 32.49
C PRO B 82 21.81 -27.11 32.67
N ASP B 83 20.79 -26.34 33.04
CA ASP B 83 19.42 -26.90 33.15
C ASP B 83 18.76 -27.08 31.79
N LEU B 84 19.31 -26.44 30.75
CA LEU B 84 18.68 -26.49 29.43
C LEU B 84 19.66 -26.39 28.25
N ILE B 85 19.46 -27.25 27.25
CA ILE B 85 20.26 -27.19 26.04
C ILE B 85 19.40 -27.03 24.77
N ILE B 86 19.80 -26.12 23.91
CA ILE B 86 19.09 -25.87 22.66
C ILE B 86 19.97 -26.20 21.48
N VAL B 87 19.51 -27.14 20.67
CA VAL B 87 20.30 -27.65 19.58
C VAL B 87 19.44 -27.60 18.34
N TYR B 88 20.09 -27.43 17.17
CA TYR B 88 19.40 -27.57 15.90
C TYR B 88 19.04 -29.03 15.77
N SER B 89 17.85 -29.33 15.23
CA SER B 89 17.44 -30.73 15.04
C SER B 89 18.45 -31.44 14.16
N THR B 90 19.17 -30.66 13.37
CA THR B 90 20.20 -31.18 12.51
C THR B 90 21.51 -31.43 13.28
N ASP B 91 21.48 -31.36 14.61
CA ASP B 91 22.70 -31.60 15.38
C ASP B 91 22.88 -33.11 15.58
N LYS B 92 24.14 -33.55 15.56
CA LYS B 92 24.46 -34.99 15.58
C LYS B 92 24.27 -35.63 16.95
N ASP B 93 24.77 -34.96 17.98
CA ASP B 93 24.81 -35.49 19.34
C ASP B 93 23.57 -35.20 20.16
N ILE B 94 22.39 -35.24 19.56
CA ILE B 94 21.17 -34.97 20.32
C ILE B 94 20.97 -35.90 21.53
N LYS B 95 21.26 -37.18 21.36
CA LYS B 95 21.09 -38.11 22.47
C LYS B 95 22.12 -37.77 23.55
N LYS B 96 23.36 -37.57 23.14
CA LYS B 96 24.46 -37.22 24.06
C LYS B 96 24.17 -35.95 24.88
N TYR B 97 23.45 -35.02 24.28
CA TYR B 97 23.11 -33.82 25.00
C TYR B 97 21.99 -34.16 25.94
N GLN B 98 21.06 -34.98 25.48
CA GLN B 98 19.94 -35.39 26.33
C GLN B 98 20.38 -36.13 27.59
N LYS B 99 21.63 -36.58 27.61
CA LYS B 99 22.15 -37.24 28.79
C LYS B 99 22.62 -36.19 29.78
N VAL B 100 23.28 -35.14 29.28
CA VAL B 100 23.76 -34.06 30.13
C VAL B 100 22.62 -33.28 30.82
N ALA B 101 21.55 -33.00 30.08
CA ALA B 101 20.46 -32.19 30.60
C ALA B 101 19.21 -32.43 29.77
N PRO B 102 18.07 -31.80 30.14
CA PRO B 102 17.01 -31.87 29.13
C PRO B 102 17.33 -30.92 27.99
N THR B 103 17.26 -31.41 26.76
CA THR B 103 17.60 -30.54 25.66
C THR B 103 16.49 -30.49 24.64
N VAL B 104 16.42 -29.35 23.95
CA VAL B 104 15.41 -29.15 22.95
C VAL B 104 15.98 -28.99 21.56
N VAL B 105 15.54 -29.88 20.69
CA VAL B 105 15.83 -29.79 19.26
C VAL B 105 14.82 -28.92 18.56
N VAL B 106 15.34 -27.98 17.79
CA VAL B 106 14.48 -27.14 16.97
C VAL B 106 14.83 -27.32 15.51
N ASP B 107 13.80 -27.49 14.70
CA ASP B 107 13.95 -27.61 13.27
C ASP B 107 14.07 -26.21 12.73
N TYR B 108 15.29 -25.79 12.41
CA TYR B 108 15.58 -24.41 12.03
C TYR B 108 14.59 -23.85 11.00
N ASN B 109 14.28 -24.69 10.03
CA ASN B 109 13.46 -24.31 8.88
C ASN B 109 12.00 -24.14 9.23
N LYS B 110 11.68 -24.24 10.52
CA LYS B 110 10.30 -24.11 10.95
C LYS B 110 10.09 -22.88 11.80
N HIS B 111 11.04 -21.95 11.80
CA HIS B 111 10.90 -20.78 12.68
C HIS B 111 11.45 -19.49 12.10
N LYS B 112 10.56 -18.60 11.68
CA LYS B 112 10.97 -17.35 11.00
C LYS B 112 11.14 -16.22 11.99
N TYR B 113 10.76 -15.00 11.66
CA TYR B 113 11.34 -13.89 12.41
C TYR B 113 10.76 -13.46 13.73
N LEU B 114 9.48 -13.16 13.78
CA LEU B 114 8.92 -12.74 15.07
C LEU B 114 8.52 -14.02 15.71
N GLU B 115 8.00 -14.94 14.90
CA GLU B 115 7.59 -16.22 15.43
C GLU B 115 8.69 -16.87 16.21
N GLN B 116 9.95 -16.69 15.82
CA GLN B 116 10.99 -17.41 16.55
C GLN B 116 11.31 -16.85 17.93
N GLN B 117 11.08 -15.56 18.11
CA GLN B 117 11.27 -14.99 19.43
C GLN B 117 10.15 -15.52 20.30
N GLU B 118 8.94 -15.57 19.73
CA GLU B 118 7.80 -16.18 20.39
C GLU B 118 8.17 -17.59 20.78
N MET B 119 8.77 -18.33 19.87
CA MET B 119 9.14 -19.70 20.17
C MET B 119 10.03 -19.73 21.40
N LEU B 120 11.04 -18.86 21.42
CA LEU B 120 11.95 -18.79 22.55
C LEU B 120 11.20 -18.31 23.77
N GLY B 121 10.23 -17.42 23.58
CA GLY B 121 9.38 -16.96 24.64
C GLY B 121 8.70 -18.16 25.23
N LYS B 122 8.12 -19.03 24.41
CA LYS B 122 7.40 -20.17 24.97
C LYS B 122 8.31 -21.15 25.69
N ILE B 123 9.59 -21.23 25.32
CA ILE B 123 10.46 -22.20 25.98
C ILE B 123 10.78 -21.80 27.40
N VAL B 124 11.24 -20.56 27.56
CA VAL B 124 11.70 -20.08 28.84
C VAL B 124 10.58 -19.42 29.64
N GLY B 125 9.33 -19.70 29.25
CA GLY B 125 8.18 -19.27 30.01
C GLY B 125 7.91 -17.78 30.01
N LYS B 126 8.84 -16.99 29.49
CA LYS B 126 8.66 -15.54 29.44
C LYS B 126 7.78 -15.04 28.27
N GLU B 127 6.63 -15.69 28.06
CA GLU B 127 5.76 -15.39 26.91
C GLU B 127 5.19 -13.97 26.88
N ASP B 128 4.78 -13.43 28.01
CA ASP B 128 4.14 -12.12 27.97
C ASP B 128 5.24 -11.07 27.86
N LYS B 129 6.48 -11.51 28.12
CA LYS B 129 7.61 -10.62 27.95
C LYS B 129 7.84 -10.46 26.49
N VAL B 130 7.63 -11.56 25.77
CA VAL B 130 7.86 -11.62 24.33
C VAL B 130 6.78 -10.85 23.59
N LYS B 131 5.51 -11.10 23.95
CA LYS B 131 4.37 -10.36 23.41
C LYS B 131 4.65 -8.88 23.49
N ALA B 132 5.15 -8.46 24.64
CA ALA B 132 5.50 -7.07 24.91
C ALA B 132 6.44 -6.50 23.86
N TRP B 133 7.47 -7.27 23.51
CA TRP B 133 8.50 -6.82 22.56
C TRP B 133 8.01 -6.66 21.15
N LYS B 134 7.24 -7.65 20.73
CA LYS B 134 6.66 -7.71 19.40
C LYS B 134 5.86 -6.43 19.15
N LYS B 135 4.97 -6.10 20.11
CA LYS B 135 4.18 -4.88 20.03
C LYS B 135 5.12 -3.69 19.87
N ASP B 136 6.19 -3.67 20.64
CA ASP B 136 7.11 -2.56 20.56
C ASP B 136 7.69 -2.48 19.15
N TRP B 137 8.34 -3.55 18.72
CA TRP B 137 8.95 -3.61 17.39
C TRP B 137 8.01 -3.27 16.26
N GLU B 138 6.91 -4.03 16.18
CA GLU B 138 5.92 -3.83 15.15
C GLU B 138 5.56 -2.39 15.06
N GLU B 139 5.23 -1.83 16.22
CA GLU B 139 4.75 -0.46 16.27
C GLU B 139 5.84 0.49 15.76
N THR B 140 7.06 0.29 16.21
CA THR B 140 8.16 1.19 15.87
C THR B 140 8.62 1.11 14.40
N THR B 141 8.82 -0.10 13.90
CA THR B 141 9.25 -0.29 12.52
C THR B 141 8.23 0.32 11.58
N ALA B 142 6.97 0.09 11.92
CA ALA B 142 5.87 0.65 11.16
C ALA B 142 5.95 2.18 11.10
N LYS B 143 6.22 2.81 12.25
CA LYS B 143 6.42 4.27 12.29
C LYS B 143 7.67 4.71 11.49
N ASP B 144 8.72 3.89 11.51
CA ASP B 144 9.92 4.12 10.69
C ASP B 144 9.60 4.14 9.22
N GLY B 145 8.82 3.15 8.79
CA GLY B 145 8.32 3.10 7.42
C GLY B 145 7.69 4.41 6.95
N LYS B 146 6.79 4.95 7.79
CA LYS B 146 6.15 6.21 7.48
C LYS B 146 7.20 7.26 7.10
N GLU B 147 8.26 7.35 7.90
CA GLU B 147 9.33 8.30 7.69
C GLU B 147 10.08 8.01 6.39
N ILE B 148 10.44 6.76 6.18
CA ILE B 148 11.15 6.37 4.96
C ILE B 148 10.34 6.69 3.71
N LYS B 149 9.02 6.48 3.79
CA LYS B 149 8.13 6.70 2.62
C LYS B 149 8.08 8.16 2.19
N LYS B 150 7.89 9.01 3.21
CA LYS B 150 7.99 10.45 3.06
C LYS B 150 9.31 10.78 2.37
N ALA B 151 10.39 10.11 2.76
CA ALA B 151 11.70 10.35 2.16
C ALA B 151 11.80 9.90 0.70
N ILE B 152 11.32 8.69 0.39
CA ILE B 152 11.55 8.07 -0.91
C ILE B 152 10.36 8.12 -1.88
N GLY B 153 9.18 8.36 -1.34
CA GLY B 153 8.00 8.40 -2.18
C GLY B 153 7.03 7.34 -1.71
N GLN B 154 5.81 7.75 -1.42
CA GLN B 154 4.81 6.89 -0.81
C GLN B 154 4.55 5.61 -1.58
N ASP B 155 4.89 5.61 -2.87
CA ASP B 155 4.67 4.43 -3.71
C ASP B 155 5.96 3.87 -4.29
N ALA B 156 7.10 4.28 -3.74
CA ALA B 156 8.39 3.86 -4.27
C ALA B 156 8.57 2.35 -4.15
N THR B 157 9.04 1.71 -5.20
CA THR B 157 9.36 0.30 -5.10
C THR B 157 10.77 0.13 -4.54
N VAL B 158 10.89 -0.82 -3.61
CA VAL B 158 12.17 -1.16 -3.04
C VAL B 158 12.42 -2.62 -3.32
N SER B 159 13.53 -2.85 -4.02
CA SER B 159 13.83 -4.17 -4.50
C SER B 159 14.70 -4.94 -3.52
N LEU B 160 14.70 -6.26 -3.62
CA LEU B 160 15.47 -7.06 -2.66
C LEU B 160 16.27 -8.18 -3.25
N PHE B 161 17.60 -8.10 -3.17
CA PHE B 161 18.44 -9.13 -3.79
C PHE B 161 19.52 -9.68 -2.90
N ASP B 162 19.77 -10.97 -3.06
CA ASP B 162 20.85 -11.68 -2.37
C ASP B 162 21.97 -11.77 -3.35
N GLU B 163 23.20 -11.48 -2.93
CA GLU B 163 24.34 -11.53 -3.86
C GLU B 163 25.54 -12.37 -3.40
N PHE B 164 25.78 -13.52 -4.02
CA PHE B 164 27.00 -14.31 -3.77
C PHE B 164 27.74 -14.61 -5.06
N ASP B 165 29.07 -14.57 -4.99
CA ASP B 165 29.93 -14.87 -6.12
C ASP B 165 29.51 -14.19 -7.40
N LYS B 166 29.26 -12.90 -7.29
CA LYS B 166 28.94 -12.02 -8.40
C LYS B 166 27.59 -12.35 -9.07
N LYS B 167 26.85 -13.29 -8.49
CA LYS B 167 25.51 -13.66 -8.97
C LYS B 167 24.49 -12.93 -8.10
N LEU B 168 23.38 -12.50 -8.69
CA LEU B 168 22.31 -11.80 -7.98
C LEU B 168 21.07 -12.67 -7.87
N TYR B 169 20.34 -12.61 -6.76
CA TYR B 169 19.17 -13.49 -6.59
C TYR B 169 17.88 -12.76 -6.20
N THR B 170 16.77 -13.18 -6.80
CA THR B 170 15.50 -12.61 -6.40
C THR B 170 14.80 -13.61 -5.52
N TYR B 171 13.95 -13.10 -4.63
CA TYR B 171 13.38 -13.88 -3.55
C TYR B 171 12.29 -14.84 -3.94
N GLY B 172 12.23 -15.93 -3.17
CA GLY B 172 11.19 -16.93 -3.29
C GLY B 172 10.15 -16.66 -2.23
N ASP B 173 9.70 -17.71 -1.56
CA ASP B 173 8.73 -17.57 -0.48
C ASP B 173 9.40 -16.92 0.71
N ASN B 174 10.48 -17.53 1.17
CA ASN B 174 11.26 -16.95 2.25
C ASN B 174 12.11 -15.77 1.80
N TRP B 175 11.58 -14.54 2.00
CA TRP B 175 12.35 -13.28 1.88
C TRP B 175 13.65 -13.38 2.66
N GLY B 176 14.18 -12.21 3.00
CA GLY B 176 15.32 -12.22 3.89
C GLY B 176 15.04 -12.16 5.39
N ARG B 177 16.05 -11.70 6.10
CA ARG B 177 15.84 -11.08 7.39
C ARG B 177 15.35 -9.70 6.93
N GLY B 178 16.04 -9.19 5.92
CA GLY B 178 15.83 -7.89 5.31
C GLY B 178 14.52 -7.79 4.55
N GLY B 179 14.12 -8.93 3.98
CA GLY B 179 12.78 -9.06 3.43
C GLY B 179 11.79 -8.72 4.52
N GLU B 180 11.94 -9.41 5.66
CA GLU B 180 11.12 -9.15 6.83
C GLU B 180 11.06 -7.69 7.19
N VAL B 181 12.23 -7.06 7.26
CA VAL B 181 12.33 -5.67 7.68
C VAL B 181 11.76 -4.67 6.73
N LEU B 182 12.16 -4.79 5.46
CA LEU B 182 11.71 -3.85 4.44
C LEU B 182 10.20 -3.89 4.24
N TYR B 183 9.67 -5.09 4.10
CA TYR B 183 8.31 -5.28 3.68
C TYR B 183 7.39 -5.52 4.87
N GLN B 184 7.66 -6.58 5.61
CA GLN B 184 6.79 -6.98 6.70
C GLN B 184 6.85 -6.02 7.91
N ALA B 185 7.95 -5.33 8.07
CA ALA B 185 8.10 -4.43 9.21
C ALA B 185 7.93 -2.97 8.83
N PHE B 186 8.75 -2.50 7.90
CA PHE B 186 8.68 -1.12 7.44
C PHE B 186 7.43 -0.85 6.62
N GLY B 187 7.03 -1.84 5.81
CA GLY B 187 5.86 -1.73 4.94
C GLY B 187 6.07 -1.15 3.55
N LEU B 188 7.34 -1.03 3.16
CA LEU B 188 7.76 -0.48 1.89
C LEU B 188 7.18 -1.29 0.72
N LYS B 189 6.88 -0.61 -0.40
CA LYS B 189 6.24 -1.28 -1.54
C LYS B 189 7.20 -2.21 -2.28
N MET B 190 6.72 -3.39 -2.65
CA MET B 190 7.57 -4.39 -3.28
C MET B 190 7.73 -4.22 -4.79
N GLN B 191 8.86 -4.65 -5.33
CA GLN B 191 8.94 -4.86 -6.78
C GLN B 191 7.94 -5.94 -7.12
N PRO B 192 6.88 -5.57 -7.84
CA PRO B 192 5.77 -6.46 -8.19
C PRO B 192 6.23 -7.65 -9.00
N GLU B 193 7.20 -7.40 -9.89
CA GLU B 193 7.63 -8.45 -10.79
C GLU B 193 8.33 -9.52 -9.96
N GLN B 194 8.96 -9.03 -8.90
CA GLN B 194 9.77 -9.82 -7.98
C GLN B 194 8.84 -10.56 -7.04
N GLN B 195 7.74 -9.87 -6.76
CA GLN B 195 6.77 -10.29 -5.78
C GLN B 195 5.96 -11.43 -6.33
N LYS B 196 5.94 -11.57 -7.66
CA LYS B 196 5.14 -12.61 -8.26
C LYS B 196 5.74 -13.97 -7.88
N LEU B 197 7.01 -13.94 -7.48
CA LEU B 197 7.72 -15.16 -7.13
C LEU B 197 7.47 -15.77 -5.75
N THR B 198 6.63 -15.15 -4.94
CA THR B 198 6.57 -15.55 -3.54
C THR B 198 5.98 -16.96 -3.24
N ALA B 199 5.03 -17.44 -4.04
CA ALA B 199 4.62 -18.85 -3.94
C ALA B 199 5.84 -19.77 -4.09
N LYS B 200 6.59 -19.48 -5.16
CA LYS B 200 7.78 -20.23 -5.57
C LYS B 200 8.77 -20.46 -4.43
N ALA B 201 9.44 -21.61 -4.47
CA ALA B 201 10.40 -22.02 -3.44
C ALA B 201 11.81 -21.58 -3.79
N GLY B 202 12.61 -21.23 -2.79
CA GLY B 202 14.00 -20.88 -3.05
C GLY B 202 14.35 -19.64 -3.90
N TRP B 203 15.36 -18.90 -3.46
CA TRP B 203 15.89 -17.76 -4.19
C TRP B 203 16.21 -18.11 -5.64
N ALA B 204 15.68 -17.32 -6.57
CA ALA B 204 15.95 -17.56 -7.97
C ALA B 204 17.02 -16.58 -8.41
N GLU B 205 18.01 -17.09 -9.15
CA GLU B 205 19.08 -16.25 -9.64
C GLU B 205 18.57 -15.37 -10.75
N VAL B 206 18.93 -14.10 -10.72
CA VAL B 206 18.59 -13.22 -11.81
C VAL B 206 19.80 -13.03 -12.70
N LYS B 207 19.58 -13.29 -13.98
CA LYS B 207 20.57 -13.13 -15.02
C LYS B 207 20.80 -11.63 -15.39
N GLN B 208 22.00 -11.37 -15.88
CA GLN B 208 22.57 -10.03 -16.05
C GLN B 208 21.69 -9.00 -16.77
N GLU B 209 20.69 -9.43 -17.54
CA GLU B 209 19.90 -8.48 -18.33
C GLU B 209 18.48 -8.28 -17.79
N GLU B 210 17.86 -9.36 -17.30
CA GLU B 210 16.49 -9.29 -16.74
C GLU B 210 16.49 -8.60 -15.38
N ILE B 211 17.57 -7.94 -15.04
CA ILE B 211 17.65 -7.20 -13.81
C ILE B 211 16.73 -6.01 -13.96
N GLU B 212 16.55 -5.49 -15.18
CA GLU B 212 15.60 -4.39 -15.34
C GLU B 212 14.19 -4.81 -14.97
N LYS B 213 13.88 -6.08 -15.20
CA LYS B 213 12.57 -6.61 -14.89
C LYS B 213 12.26 -6.49 -13.42
N TYR B 214 13.27 -6.72 -12.59
CA TYR B 214 13.08 -6.79 -11.16
C TYR B 214 13.52 -5.56 -10.40
N ALA B 215 14.11 -4.60 -11.10
CA ALA B 215 14.67 -3.45 -10.40
C ALA B 215 13.61 -2.47 -9.99
N GLY B 216 13.62 -2.09 -8.71
CA GLY B 216 12.69 -1.09 -8.24
C GLY B 216 13.28 0.31 -8.30
N ASP B 217 12.51 1.30 -7.82
CA ASP B 217 13.00 2.67 -7.70
C ASP B 217 14.24 2.70 -6.82
N TYR B 218 14.21 1.88 -5.77
CA TYR B 218 15.37 1.62 -4.94
C TYR B 218 15.59 0.13 -4.92
N ILE B 219 16.83 -0.24 -4.70
CA ILE B 219 17.18 -1.65 -4.66
C ILE B 219 18.11 -1.91 -3.47
N VAL B 220 17.78 -2.91 -2.67
CA VAL B 220 18.59 -3.30 -1.51
C VAL B 220 19.19 -4.67 -1.73
N SER B 221 20.52 -4.73 -1.66
CA SER B 221 21.27 -5.97 -1.88
C SER B 221 21.92 -6.43 -0.58
N THR B 222 21.74 -7.70 -0.19
CA THR B 222 22.37 -8.20 1.04
C THR B 222 23.37 -9.34 0.87
N SER B 223 24.11 -9.57 1.97
CA SER B 223 25.21 -10.53 2.17
C SER B 223 26.51 -10.05 1.55
N GLU B 224 27.08 -8.98 2.12
CA GLU B 224 28.42 -8.47 1.79
C GLU B 224 29.44 -9.05 2.75
N GLY B 225 28.98 -9.94 3.63
CA GLY B 225 29.81 -10.62 4.60
C GLY B 225 30.91 -11.47 4.01
N LYS B 226 31.05 -12.68 4.54
CA LYS B 226 32.14 -13.64 4.21
C LYS B 226 32.45 -13.91 2.73
N PRO B 227 31.40 -14.06 1.88
CA PRO B 227 31.73 -14.02 0.44
C PRO B 227 32.27 -12.65 0.15
N THR B 228 33.59 -12.54 0.03
CA THR B 228 34.23 -11.28 -0.33
C THR B 228 33.42 -10.53 -1.39
N PRO B 229 33.05 -9.26 -1.10
CA PRO B 229 32.18 -8.63 -2.11
C PRO B 229 32.93 -8.37 -3.41
N GLY B 230 32.51 -9.09 -4.46
CA GLY B 230 33.14 -9.04 -5.77
C GLY B 230 33.06 -7.65 -6.35
N TYR B 231 32.17 -7.43 -7.31
CA TYR B 231 31.97 -6.09 -7.81
C TYR B 231 31.07 -5.42 -6.78
N GLU B 232 31.59 -4.38 -6.15
CA GLU B 232 30.81 -3.71 -5.13
C GLU B 232 29.91 -2.69 -5.77
N SER B 233 28.69 -3.13 -6.08
CA SER B 233 27.64 -2.31 -6.66
C SER B 233 27.98 -1.66 -8.02
N THR B 234 28.76 -2.35 -8.85
CA THR B 234 29.09 -1.83 -10.19
C THR B 234 29.64 -2.87 -11.17
N ASN B 235 28.76 -3.39 -12.02
CA ASN B 235 29.16 -4.31 -13.08
C ASN B 235 28.02 -4.57 -14.06
N MET B 236 28.03 -3.81 -15.16
CA MET B 236 27.05 -3.90 -16.25
C MET B 236 25.60 -3.57 -15.89
N TRP B 237 25.26 -3.62 -14.60
CA TRP B 237 23.96 -3.20 -14.09
C TRP B 237 23.93 -1.68 -13.90
N LYS B 238 24.84 -1.01 -14.58
CA LYS B 238 25.06 0.41 -14.44
C LYS B 238 23.87 1.22 -14.91
N ASN B 239 23.11 0.61 -15.82
CA ASN B 239 22.05 1.26 -16.58
C ASN B 239 20.71 1.48 -15.86
N LEU B 240 20.54 0.77 -14.76
CA LEU B 240 19.34 0.83 -13.94
C LEU B 240 19.00 2.23 -13.38
N LYS B 241 17.70 2.49 -13.21
CA LYS B 241 17.20 3.72 -12.62
C LYS B 241 17.81 3.96 -11.24
N ALA B 242 17.83 2.91 -10.42
CA ALA B 242 18.34 3.02 -9.07
C ALA B 242 19.85 3.33 -9.03
N THR B 243 20.62 2.63 -9.85
CA THR B 243 22.07 2.85 -9.92
C THR B 243 22.31 4.29 -10.35
N LYS B 244 21.55 4.72 -11.36
CA LYS B 244 21.63 6.09 -11.85
C LYS B 244 21.37 7.11 -10.74
N GLU B 245 20.43 6.83 -9.85
CA GLU B 245 20.03 7.81 -8.83
C GLU B 245 20.70 7.61 -7.47
N GLY B 246 21.60 6.63 -7.39
CA GLY B 246 22.32 6.32 -6.16
C GLY B 246 21.40 5.62 -5.19
N HIS B 247 20.29 5.12 -5.72
CA HIS B 247 19.26 4.47 -4.93
C HIS B 247 19.55 2.98 -4.72
N ILE B 248 20.84 2.68 -4.61
CA ILE B 248 21.31 1.36 -4.22
C ILE B 248 21.77 1.32 -2.77
N VAL B 249 21.42 0.23 -2.08
CA VAL B 249 21.87 0.09 -0.70
C VAL B 249 22.25 -1.36 -0.34
N LYS B 250 23.45 -1.49 0.24
CA LYS B 250 23.91 -2.77 0.75
C LYS B 250 23.74 -2.75 2.26
N VAL B 251 23.57 -3.95 2.81
CA VAL B 251 23.28 -4.16 4.20
C VAL B 251 24.61 -4.32 4.89
N ASP B 252 24.76 -3.75 6.07
CA ASP B 252 26.04 -3.79 6.76
C ASP B 252 26.51 -5.22 6.99
N ALA B 253 27.78 -5.43 6.64
CA ALA B 253 28.40 -6.73 6.62
C ALA B 253 28.20 -7.45 7.94
N GLY B 254 28.42 -6.72 9.04
CA GLY B 254 28.41 -7.28 10.40
C GLY B 254 27.27 -8.18 10.89
N THR B 255 26.22 -8.34 10.11
CA THR B 255 25.13 -9.19 10.54
C THR B 255 25.21 -10.52 9.81
N TYR B 256 25.37 -11.58 10.59
CA TYR B 256 25.56 -12.93 10.08
C TYR B 256 24.18 -13.54 9.63
N TRP B 257 23.30 -12.65 9.14
CA TRP B 257 21.82 -12.86 9.12
C TRP B 257 21.31 -13.58 10.38
N TYR B 258 21.97 -13.41 11.53
CA TYR B 258 21.37 -13.88 12.77
C TYR B 258 20.09 -13.05 12.92
N ASN B 259 18.99 -13.74 13.19
CA ASN B 259 17.64 -13.17 13.16
C ASN B 259 17.11 -12.75 14.51
N ASP B 260 18.03 -12.50 15.43
CA ASP B 260 17.69 -12.14 16.78
C ASP B 260 17.45 -10.65 16.93
N PRO B 261 16.52 -10.30 17.80
CA PRO B 261 16.06 -8.96 18.11
C PRO B 261 17.18 -7.94 18.18
N TYR B 262 18.40 -8.36 18.50
CA TYR B 262 19.52 -7.43 18.54
C TYR B 262 19.94 -7.07 17.12
N THR B 263 20.25 -8.09 16.34
CA THR B 263 20.61 -7.94 14.93
C THR B 263 19.49 -7.36 14.10
N LEU B 264 18.26 -7.80 14.33
CA LEU B 264 17.14 -7.28 13.58
C LEU B 264 17.07 -5.80 13.80
N ASP B 265 17.09 -5.42 15.08
CA ASP B 265 16.99 -4.02 15.42
C ASP B 265 18.07 -3.24 14.74
N PHE B 266 19.16 -3.95 14.47
CA PHE B 266 20.25 -3.28 13.84
C PHE B 266 19.98 -3.00 12.39
N MET B 267 19.52 -4.00 11.64
CA MET B 267 19.23 -3.76 10.21
C MET B 267 18.18 -2.67 10.07
N ARG B 268 17.21 -2.69 10.99
CA ARG B 268 16.17 -1.69 11.03
C ARG B 268 16.83 -0.34 11.04
N LYS B 269 17.63 -0.08 12.07
CA LYS B 269 18.39 1.15 12.11
C LYS B 269 19.12 1.33 10.78
N ASP B 270 19.97 0.37 10.43
CA ASP B 270 20.80 0.48 9.24
C ASP B 270 20.05 0.82 7.96
N LEU B 271 19.14 -0.07 7.54
CA LEU B 271 18.36 0.13 6.29
C LEU B 271 17.58 1.44 6.30
N LYS B 272 16.86 1.73 7.37
CA LYS B 272 16.19 3.01 7.48
C LYS B 272 17.14 4.11 7.11
N GLU B 273 18.26 4.17 7.82
CA GLU B 273 19.29 5.18 7.55
C GLU B 273 19.65 5.29 6.08
N LYS B 274 20.21 4.19 5.57
CA LYS B 274 20.77 4.15 4.24
C LYS B 274 19.77 4.58 3.17
N LEU B 275 18.50 4.22 3.33
CA LEU B 275 17.47 4.56 2.35
C LEU B 275 17.13 6.01 2.41
N ILE B 276 16.87 6.51 3.60
CA ILE B 276 16.56 7.93 3.68
C ILE B 276 17.72 8.78 3.17
N LYS B 277 18.96 8.40 3.49
CA LYS B 277 20.10 9.08 2.92
C LYS B 277 20.11 8.84 1.40
N ALA B 278 19.79 7.62 0.98
CA ALA B 278 19.86 7.24 -0.44
C ALA B 278 19.02 8.13 -1.31
N ALA B 279 18.04 8.77 -0.66
CA ALA B 279 17.08 9.66 -1.32
C ALA B 279 17.65 11.06 -1.53
N LYS B 280 18.97 11.12 -1.71
CA LYS B 280 19.67 12.36 -1.99
C LYS B 280 19.32 13.43 -0.98
N GLU C 7 30.75 35.05 -3.62
CA GLU C 7 30.48 35.93 -4.75
C GLU C 7 30.90 35.29 -6.08
N THR C 8 32.05 34.62 -6.10
CA THR C 8 32.48 33.88 -7.28
C THR C 8 32.24 32.39 -7.04
N LYS C 9 31.03 32.07 -6.59
CA LYS C 9 30.63 30.70 -6.31
C LYS C 9 30.80 29.82 -7.55
N SER C 10 31.52 28.72 -7.36
CA SER C 10 31.73 27.77 -8.45
C SER C 10 30.56 26.81 -8.63
N TYR C 11 30.06 26.71 -9.86
CA TYR C 11 28.89 25.89 -10.13
C TYR C 11 29.14 24.93 -11.28
N LYS C 12 28.82 23.66 -11.05
CA LYS C 12 28.91 22.64 -12.09
C LYS C 12 27.55 22.44 -12.76
N MET C 13 27.53 22.44 -14.10
CA MET C 13 26.28 22.26 -14.84
C MET C 13 26.03 20.81 -15.24
N ASP C 14 25.03 20.65 -16.09
CA ASP C 14 24.59 19.34 -16.57
C ASP C 14 25.58 18.68 -17.56
N ASP C 15 26.46 19.48 -18.14
CA ASP C 15 27.48 18.98 -19.07
C ASP C 15 28.89 19.45 -18.67
N GLY C 16 29.29 20.65 -19.11
CA GLY C 16 30.56 21.23 -18.69
C GLY C 16 30.55 21.56 -17.20
N LYS C 17 31.66 21.30 -16.50
CA LYS C 17 31.67 21.34 -15.04
C LYS C 17 32.34 22.58 -14.41
N THR C 18 32.09 23.77 -14.96
CA THR C 18 32.72 24.99 -14.45
C THR C 18 31.91 26.23 -14.83
N VAL C 19 31.26 26.84 -13.84
CA VAL C 19 30.63 28.15 -14.01
C VAL C 19 30.69 29.00 -12.76
N ASP C 20 31.01 30.28 -12.92
CA ASP C 20 31.13 31.17 -11.79
C ASP C 20 29.90 32.08 -11.67
N ILE C 21 29.23 32.03 -10.50
CA ILE C 21 28.00 32.79 -10.25
C ILE C 21 28.03 33.41 -8.84
N PRO C 22 27.23 34.47 -8.62
CA PRO C 22 27.07 35.09 -7.30
C PRO C 22 26.68 34.14 -6.16
N LYS C 23 27.22 34.40 -4.97
CA LYS C 23 26.83 33.65 -3.77
C LYS C 23 25.40 33.99 -3.40
N ASP C 24 25.09 35.28 -3.44
CA ASP C 24 23.72 35.75 -3.30
C ASP C 24 23.39 36.65 -4.48
N PRO C 25 23.06 36.04 -5.63
CA PRO C 25 22.67 36.86 -6.80
C PRO C 25 21.43 37.66 -6.47
N LYS C 26 21.46 38.94 -6.83
CA LYS C 26 20.39 39.87 -6.45
C LYS C 26 19.64 40.40 -7.68
N ARG C 27 20.13 40.05 -8.85
CA ARG C 27 19.45 40.38 -10.10
C ARG C 27 19.53 39.22 -11.09
N ILE C 28 18.70 38.22 -10.85
CA ILE C 28 18.74 37.03 -11.69
C ILE C 28 17.72 37.21 -12.79
N ALA C 29 18.11 36.89 -14.01
CA ALA C 29 17.16 36.89 -15.12
C ALA C 29 16.90 35.46 -15.61
N VAL C 30 15.63 35.07 -15.59
CA VAL C 30 15.25 33.76 -16.06
C VAL C 30 14.52 33.85 -17.40
N VAL C 31 15.09 33.20 -18.41
CA VAL C 31 14.48 33.16 -19.73
C VAL C 31 13.87 31.76 -19.85
N ALA C 32 14.06 30.98 -18.80
CA ALA C 32 13.65 29.59 -18.81
C ALA C 32 12.64 29.28 -17.69
N PRO C 33 11.34 29.53 -17.97
CA PRO C 33 10.21 29.61 -17.04
C PRO C 33 9.88 28.38 -16.18
N THR C 34 10.35 27.20 -16.59
CA THR C 34 10.18 26.00 -15.78
C THR C 34 10.55 26.28 -14.35
N TYR C 35 11.60 27.06 -14.24
CA TYR C 35 12.30 27.31 -13.00
C TYR C 35 11.84 28.58 -12.31
N ALA C 36 11.17 29.44 -13.06
CA ALA C 36 10.61 30.68 -12.54
C ALA C 36 9.91 30.52 -11.18
N GLY C 37 8.78 29.81 -11.21
CA GLY C 37 8.01 29.57 -10.00
C GLY C 37 8.86 28.92 -8.94
N GLY C 38 9.77 28.04 -9.38
CA GLY C 38 10.71 27.43 -8.47
C GLY C 38 11.54 28.49 -7.76
N LEU C 39 12.02 29.46 -8.53
CA LEU C 39 12.82 30.54 -7.97
C LEU C 39 11.98 31.55 -7.19
N LYS C 40 10.81 31.92 -7.72
CA LYS C 40 9.90 32.84 -7.02
C LYS C 40 9.47 32.26 -5.68
N LYS C 41 9.35 30.94 -5.60
CA LYS C 41 9.06 30.28 -4.32
C LYS C 41 10.18 30.49 -3.32
N LEU C 42 11.40 30.59 -3.84
CA LEU C 42 12.55 30.88 -3.01
C LEU C 42 12.64 32.36 -2.66
N GLY C 43 11.78 33.17 -3.28
CA GLY C 43 11.71 34.57 -2.92
C GLY C 43 12.82 35.38 -3.56
N ALA C 44 13.66 34.70 -4.34
CA ALA C 44 14.78 35.34 -5.03
C ALA C 44 14.31 36.47 -5.94
N ASN C 45 15.19 37.44 -6.17
CA ASN C 45 14.80 38.58 -6.95
C ASN C 45 15.06 38.30 -8.43
N ILE C 46 14.00 38.35 -9.21
CA ILE C 46 14.08 38.15 -10.65
C ILE C 46 13.82 39.49 -11.33
N VAL C 47 14.74 39.92 -12.19
CA VAL C 47 14.55 41.19 -12.89
C VAL C 47 13.81 40.99 -14.19
N ALA C 48 14.01 39.84 -14.80
CA ALA C 48 13.37 39.54 -16.07
C ALA C 48 12.89 38.12 -16.07
N VAL C 49 11.64 37.96 -16.46
CA VAL C 49 10.99 36.67 -16.45
C VAL C 49 10.36 36.41 -17.80
N ASN C 50 10.51 35.18 -18.26
CA ASN C 50 9.95 34.72 -19.52
C ASN C 50 8.43 34.97 -19.59
N GLN C 51 7.96 35.39 -20.76
CA GLN C 51 6.58 35.85 -20.96
C GLN C 51 5.53 34.75 -20.78
N GLN C 52 5.97 33.49 -20.92
CA GLN C 52 5.10 32.32 -20.79
C GLN C 52 4.36 32.24 -19.46
N VAL C 53 4.85 32.94 -18.46
CA VAL C 53 4.21 32.93 -17.16
C VAL C 53 2.81 33.57 -17.20
N ASP C 54 2.54 34.36 -18.24
CA ASP C 54 1.19 34.91 -18.43
C ASP C 54 0.25 33.84 -18.97
N GLN C 55 0.74 32.60 -19.03
CA GLN C 55 -0.01 31.48 -19.57
C GLN C 55 -0.23 30.43 -18.49
N SER C 56 0.48 30.57 -17.38
CA SER C 56 0.28 29.63 -16.29
C SER C 56 -0.75 30.24 -15.36
N LYS C 57 -1.95 29.67 -15.38
CA LYS C 57 -3.09 30.14 -14.62
C LYS C 57 -2.73 30.47 -13.18
N VAL C 58 -1.65 29.86 -12.67
CA VAL C 58 -1.15 30.15 -11.34
C VAL C 58 -0.10 31.26 -11.32
N LEU C 59 0.85 31.17 -12.25
CA LEU C 59 2.02 32.02 -12.25
C LEU C 59 1.83 33.43 -12.81
N LYS C 60 0.73 33.64 -13.53
CA LYS C 60 0.47 34.92 -14.20
C LYS C 60 0.48 36.13 -13.26
N ASP C 61 -0.26 36.05 -12.16
CA ASP C 61 -0.33 37.12 -11.18
C ASP C 61 0.91 37.26 -10.28
N LYS C 62 1.61 36.16 -10.04
CA LYS C 62 2.79 36.22 -9.17
C LYS C 62 3.94 37.00 -9.82
N PHE C 63 3.82 37.29 -11.11
CA PHE C 63 4.83 38.04 -11.84
C PHE C 63 4.26 39.30 -12.47
N LYS C 64 3.53 40.06 -11.66
CA LYS C 64 3.02 41.34 -12.09
C LYS C 64 4.12 42.40 -12.02
N GLY C 65 4.15 43.27 -13.02
CA GLY C 65 5.03 44.43 -13.01
C GLY C 65 6.50 44.14 -13.24
N VAL C 66 6.90 42.88 -13.15
CA VAL C 66 8.27 42.53 -13.48
C VAL C 66 8.33 42.54 -14.99
N THR C 67 9.37 43.17 -15.55
CA THR C 67 9.53 43.21 -17.00
C THR C 67 9.48 41.80 -17.58
N LYS C 68 8.42 41.51 -18.33
CA LYS C 68 8.29 40.18 -18.92
C LYS C 68 8.86 40.19 -20.33
N ILE C 69 9.87 39.36 -20.54
CA ILE C 69 10.61 39.29 -21.79
C ILE C 69 10.37 37.96 -22.52
N GLY C 70 10.55 37.96 -23.84
CA GLY C 70 10.45 36.75 -24.63
C GLY C 70 11.64 35.81 -24.64
N ASP C 71 11.56 34.78 -25.48
CA ASP C 71 12.67 33.84 -25.65
C ASP C 71 13.58 34.30 -26.79
N GLY C 72 14.88 34.30 -26.54
CA GLY C 72 15.86 34.74 -27.54
C GLY C 72 16.03 36.25 -27.65
N ASP C 73 15.28 37.00 -26.85
CA ASP C 73 15.31 38.47 -26.82
C ASP C 73 16.47 39.02 -26.00
N VAL C 74 17.70 38.80 -26.46
CA VAL C 74 18.92 39.18 -25.73
C VAL C 74 19.05 40.68 -25.40
N GLU C 75 18.54 41.54 -26.28
CA GLU C 75 18.60 43.01 -26.08
C GLU C 75 17.98 43.48 -24.75
N LYS C 76 16.68 43.23 -24.58
CA LYS C 76 15.95 43.67 -23.39
C LYS C 76 16.52 43.05 -22.12
N VAL C 77 17.17 41.91 -22.29
CA VAL C 77 17.74 41.15 -21.18
C VAL C 77 18.91 41.87 -20.51
N ALA C 78 19.94 42.18 -21.29
CA ALA C 78 21.13 42.86 -20.80
C ALA C 78 20.80 44.19 -20.13
N LYS C 79 19.81 44.89 -20.68
CA LYS C 79 19.36 46.18 -20.16
C LYS C 79 18.86 46.10 -18.72
N GLU C 80 18.80 44.88 -18.19
CA GLU C 80 18.36 44.68 -16.81
C GLU C 80 19.53 44.33 -15.89
N LYS C 81 20.74 44.33 -16.45
CA LYS C 81 21.99 44.04 -15.73
C LYS C 81 21.88 42.90 -14.70
N PRO C 82 21.92 41.66 -15.20
CA PRO C 82 21.70 40.47 -14.38
C PRO C 82 22.93 39.95 -13.65
N ASP C 83 22.74 39.49 -12.41
CA ASP C 83 23.80 38.81 -11.68
C ASP C 83 23.93 37.42 -12.24
N LEU C 84 22.80 36.90 -12.69
CA LEU C 84 22.71 35.54 -13.19
C LEU C 84 21.55 35.41 -14.16
N ILE C 85 21.81 34.69 -15.25
CA ILE C 85 20.77 34.39 -16.21
C ILE C 85 20.69 32.88 -16.40
N ILE C 86 19.47 32.35 -16.46
CA ILE C 86 19.31 30.92 -16.64
C ILE C 86 18.49 30.60 -17.87
N VAL C 87 19.07 29.78 -18.74
CA VAL C 87 18.45 29.40 -19.97
C VAL C 87 18.52 27.90 -20.11
N TYR C 88 17.56 27.33 -20.83
CA TYR C 88 17.54 25.93 -21.13
C TYR C 88 18.78 25.61 -21.94
N SER C 89 19.28 24.38 -21.85
CA SER C 89 20.40 23.93 -22.69
C SER C 89 20.04 24.05 -24.17
N THR C 90 18.75 24.01 -24.47
CA THR C 90 18.26 24.11 -25.84
C THR C 90 18.19 25.54 -26.37
N ASP C 91 18.82 26.48 -25.69
CA ASP C 91 18.77 27.88 -26.14
C ASP C 91 19.76 28.14 -27.28
N LYS C 92 19.32 28.97 -28.23
CA LYS C 92 20.10 29.25 -29.44
C LYS C 92 21.21 30.24 -29.11
N ASP C 93 20.85 31.32 -28.44
CA ASP C 93 21.79 32.38 -28.12
C ASP C 93 22.51 32.15 -26.79
N ILE C 94 22.81 30.89 -26.45
CA ILE C 94 23.51 30.61 -25.19
C ILE C 94 24.82 31.38 -25.11
N LYS C 95 25.54 31.44 -26.22
CA LYS C 95 26.78 32.18 -26.30
C LYS C 95 26.50 33.68 -26.20
N LYS C 96 25.50 34.15 -26.93
CA LYS C 96 25.07 35.54 -26.81
C LYS C 96 24.67 35.88 -25.37
N TYR C 97 24.18 34.87 -24.65
CA TYR C 97 23.84 35.01 -23.24
C TYR C 97 25.07 34.89 -22.32
N GLN C 98 26.00 34.01 -22.69
CA GLN C 98 27.23 33.82 -21.93
C GLN C 98 28.01 35.13 -21.79
N LYS C 99 27.67 36.08 -22.65
CA LYS C 99 28.29 37.39 -22.66
C LYS C 99 27.62 38.38 -21.69
N VAL C 100 26.30 38.37 -21.62
CA VAL C 100 25.54 39.32 -20.80
C VAL C 100 25.84 39.24 -19.30
N ALA C 101 25.93 38.02 -18.78
CA ALA C 101 26.16 37.79 -17.37
C ALA C 101 26.65 36.36 -17.22
N PRO C 102 27.06 35.96 -16.00
CA PRO C 102 27.34 34.53 -15.88
C PRO C 102 26.04 33.74 -15.95
N THR C 103 26.05 32.68 -16.75
CA THR C 103 24.84 31.92 -16.99
C THR C 103 25.01 30.44 -16.76
N VAL C 104 23.91 29.79 -16.41
CA VAL C 104 23.91 28.34 -16.29
C VAL C 104 22.88 27.71 -17.22
N VAL C 105 23.35 26.86 -18.13
CA VAL C 105 22.43 26.08 -18.95
C VAL C 105 22.06 24.78 -18.25
N VAL C 106 20.77 24.52 -18.22
CA VAL C 106 20.25 23.30 -17.62
C VAL C 106 19.56 22.43 -18.65
N ASP C 107 19.91 21.15 -18.68
CA ASP C 107 19.24 20.21 -19.57
C ASP C 107 17.97 19.75 -18.88
N TYR C 108 16.84 20.29 -19.35
CA TYR C 108 15.52 20.09 -18.75
C TYR C 108 15.22 18.62 -18.43
N ASN C 109 15.62 17.72 -19.32
CA ASN C 109 15.33 16.29 -19.20
C ASN C 109 16.18 15.60 -18.13
N LYS C 110 16.91 16.40 -17.36
CA LYS C 110 17.78 15.85 -16.32
C LYS C 110 17.31 16.27 -14.93
N HIS C 111 16.04 16.69 -14.84
CA HIS C 111 15.50 17.18 -13.57
C HIS C 111 14.02 16.83 -13.32
N LYS C 112 13.81 16.00 -12.30
CA LYS C 112 12.48 15.47 -11.96
C LYS C 112 11.73 16.57 -11.22
N TYR C 113 10.98 16.19 -10.19
CA TYR C 113 10.11 17.15 -9.54
C TYR C 113 10.67 17.86 -8.31
N LEU C 114 11.19 17.10 -7.36
CA LEU C 114 11.81 17.67 -6.17
C LEU C 114 13.28 17.95 -6.39
N GLU C 115 13.94 17.02 -7.06
CA GLU C 115 15.35 17.18 -7.41
C GLU C 115 15.55 18.51 -8.17
N GLN C 116 14.55 18.93 -8.94
CA GLN C 116 14.72 20.17 -9.69
C GLN C 116 14.56 21.39 -8.80
N GLN C 117 13.79 21.27 -7.73
CA GLN C 117 13.74 22.39 -6.82
C GLN C 117 15.01 22.45 -6.00
N GLU C 118 15.50 21.26 -5.64
CA GLU C 118 16.76 21.13 -4.95
C GLU C 118 17.87 21.81 -5.75
N MET C 119 17.97 21.47 -7.02
CA MET C 119 19.03 22.05 -7.86
C MET C 119 18.98 23.58 -7.83
N LEU C 120 17.77 24.15 -7.90
CA LEU C 120 17.63 25.60 -7.78
C LEU C 120 18.08 26.10 -6.40
N GLY C 121 17.84 25.28 -5.38
CA GLY C 121 18.33 25.58 -4.05
C GLY C 121 19.84 25.69 -4.07
N LYS C 122 20.48 24.75 -4.77
CA LYS C 122 21.94 24.74 -4.87
C LYS C 122 22.45 25.95 -5.64
N ILE C 123 21.61 26.51 -6.49
CA ILE C 123 22.04 27.64 -7.29
C ILE C 123 22.20 28.94 -6.53
N VAL C 124 21.15 29.39 -5.87
CA VAL C 124 21.21 30.67 -5.19
C VAL C 124 21.70 30.45 -3.75
N GLY C 125 22.31 29.30 -3.51
CA GLY C 125 22.89 28.99 -2.22
C GLY C 125 21.90 28.73 -1.11
N LYS C 126 20.62 29.02 -1.35
CA LYS C 126 19.57 28.81 -0.34
C LYS C 126 19.20 27.33 -0.25
N GLU C 127 20.23 26.48 -0.20
CA GLU C 127 20.08 25.03 -0.24
C GLU C 127 19.19 24.48 0.89
N ASP C 128 19.31 25.07 2.08
CA ASP C 128 18.58 24.58 3.24
C ASP C 128 17.15 25.12 3.29
N LYS C 129 16.86 26.14 2.48
CA LYS C 129 15.50 26.66 2.36
C LYS C 129 14.63 25.63 1.64
N VAL C 130 15.26 24.89 0.72
CA VAL C 130 14.61 23.83 -0.05
C VAL C 130 14.35 22.60 0.81
N LYS C 131 15.42 22.16 1.49
CA LYS C 131 15.37 21.04 2.40
C LYS C 131 14.21 21.23 3.36
N ALA C 132 14.06 22.46 3.85
CA ALA C 132 12.97 22.81 4.75
C ALA C 132 11.62 22.57 4.08
N TRP C 133 11.45 23.22 2.93
CA TRP C 133 10.22 23.16 2.15
C TRP C 133 9.89 21.77 1.62
N LYS C 134 10.92 21.09 1.13
CA LYS C 134 10.75 19.71 0.65
C LYS C 134 10.09 18.86 1.73
N LYS C 135 10.62 18.95 2.95
CA LYS C 135 10.09 18.18 4.07
C LYS C 135 8.60 18.50 4.31
N ASP C 136 8.24 19.76 4.22
CA ASP C 136 6.85 20.15 4.42
C ASP C 136 5.93 19.47 3.43
N TRP C 137 6.19 19.73 2.15
CA TRP C 137 5.46 19.16 1.03
C TRP C 137 5.22 17.68 1.24
N GLU C 138 6.33 16.97 1.50
CA GLU C 138 6.33 15.56 1.81
C GLU C 138 5.34 15.24 2.91
N GLU C 139 5.39 16.00 4.00
CA GLU C 139 4.52 15.76 5.14
C GLU C 139 3.09 16.01 4.74
N THR C 140 2.87 17.08 3.97
CA THR C 140 1.52 17.49 3.58
C THR C 140 0.83 16.54 2.62
N THR C 141 1.48 16.23 1.51
CA THR C 141 0.91 15.35 0.52
C THR C 141 0.66 13.99 1.16
N ALA C 142 1.59 13.61 2.03
CA ALA C 142 1.49 12.36 2.77
C ALA C 142 0.17 12.34 3.52
N LYS C 143 -0.14 13.45 4.19
CA LYS C 143 -1.39 13.58 4.93
C LYS C 143 -2.59 13.62 4.02
N ASP C 144 -2.46 14.32 2.89
CA ASP C 144 -3.55 14.48 1.94
C ASP C 144 -4.03 13.14 1.44
N GLY C 145 -3.05 12.32 1.05
CA GLY C 145 -3.29 10.96 0.65
C GLY C 145 -4.12 10.23 1.66
N LYS C 146 -3.76 10.38 2.93
CA LYS C 146 -4.51 9.74 3.99
C LYS C 146 -6.01 10.07 3.91
N GLU C 147 -6.32 11.34 3.62
CA GLU C 147 -7.70 11.80 3.60
C GLU C 147 -8.43 11.19 2.41
N ILE C 148 -7.86 11.40 1.23
CA ILE C 148 -8.45 10.89 -0.01
C ILE C 148 -8.71 9.39 0.10
N LYS C 149 -7.76 8.70 0.71
CA LYS C 149 -7.85 7.26 0.79
C LYS C 149 -9.04 6.90 1.62
N LYS C 150 -9.23 7.58 2.76
CA LYS C 150 -10.42 7.39 3.61
C LYS C 150 -11.68 7.54 2.78
N ALA C 151 -11.65 8.58 1.94
CA ALA C 151 -12.71 9.02 1.03
C ALA C 151 -13.05 8.09 -0.11
N ILE C 152 -12.04 7.63 -0.84
CA ILE C 152 -12.28 6.86 -2.08
C ILE C 152 -12.10 5.37 -1.94
N GLY C 153 -11.47 4.95 -0.85
CA GLY C 153 -11.16 3.55 -0.63
C GLY C 153 -9.69 3.45 -0.35
N GLN C 154 -9.30 2.74 0.70
CA GLN C 154 -7.88 2.69 1.04
C GLN C 154 -7.06 2.02 -0.08
N ASP C 155 -7.73 1.16 -0.85
CA ASP C 155 -7.08 0.36 -1.87
C ASP C 155 -7.64 0.65 -3.24
N ALA C 156 -8.22 1.83 -3.40
CA ALA C 156 -8.79 2.20 -4.68
C ALA C 156 -7.66 2.38 -5.66
N THR C 157 -7.83 1.85 -6.87
CA THR C 157 -6.87 2.10 -7.94
C THR C 157 -7.15 3.42 -8.64
N VAL C 158 -6.10 4.18 -8.89
CA VAL C 158 -6.21 5.43 -9.63
C VAL C 158 -5.29 5.40 -10.85
N SER C 159 -5.87 5.46 -12.05
CA SER C 159 -5.05 5.30 -13.26
C SER C 159 -4.58 6.64 -13.78
N LEU C 160 -3.61 6.60 -14.67
CA LEU C 160 -3.07 7.84 -15.18
C LEU C 160 -2.79 7.79 -16.67
N PHE C 161 -3.42 8.70 -17.39
CA PHE C 161 -3.35 8.72 -18.84
C PHE C 161 -3.00 10.07 -19.39
N ASP C 162 -2.30 10.06 -20.51
CA ASP C 162 -2.11 11.28 -21.31
C ASP C 162 -2.98 11.11 -22.59
N GLU C 163 -3.55 12.20 -23.10
CA GLU C 163 -4.43 12.17 -24.28
C GLU C 163 -3.75 12.97 -25.39
N PHE C 164 -3.48 12.32 -26.54
CA PHE C 164 -3.12 12.98 -27.81
C PHE C 164 -3.89 12.33 -28.99
N ASP C 165 -4.46 13.16 -29.87
CA ASP C 165 -5.15 12.75 -31.11
C ASP C 165 -6.11 11.59 -30.89
N LYS C 166 -6.98 11.71 -29.89
CA LYS C 166 -7.97 10.65 -29.62
C LYS C 166 -7.29 9.32 -29.24
N LYS C 167 -5.95 9.34 -29.07
CA LYS C 167 -5.21 8.16 -28.62
C LYS C 167 -4.88 8.33 -27.14
N LEU C 168 -4.84 7.23 -26.39
CA LEU C 168 -4.54 7.29 -24.96
C LEU C 168 -3.19 6.72 -24.59
N TYR C 169 -2.53 7.30 -23.61
CA TYR C 169 -1.20 6.85 -23.26
C TYR C 169 -1.06 6.46 -21.80
N THR C 170 -0.33 5.37 -21.58
CA THR C 170 -0.04 4.84 -20.24
C THR C 170 1.40 5.16 -19.88
N TYR C 171 1.70 5.28 -18.59
CA TYR C 171 3.03 5.71 -18.18
C TYR C 171 4.08 4.63 -18.35
N GLY C 172 5.31 5.07 -18.66
CA GLY C 172 6.46 4.19 -18.76
C GLY C 172 7.32 4.23 -17.50
N ASP C 173 8.60 4.56 -17.64
CA ASP C 173 9.47 4.68 -16.47
C ASP C 173 9.13 5.96 -15.71
N ASN C 174 9.21 7.07 -16.43
CA ASN C 174 8.78 8.34 -15.91
C ASN C 174 7.26 8.37 -15.92
N TRP C 175 6.64 9.04 -14.95
CA TRP C 175 5.22 9.36 -15.09
C TRP C 175 5.23 10.78 -15.61
N GLY C 176 5.35 11.69 -14.65
CA GLY C 176 5.48 13.13 -14.90
C GLY C 176 4.58 13.94 -14.00
N ARG C 177 4.83 15.26 -13.95
CA ARG C 177 3.98 16.29 -13.32
C ARG C 177 2.52 15.96 -13.09
N GLY C 178 2.24 14.78 -12.58
CA GLY C 178 0.88 14.34 -12.38
C GLY C 178 0.95 13.04 -11.59
N GLY C 179 1.73 12.08 -12.09
CA GLY C 179 2.06 10.87 -11.36
C GLY C 179 2.70 11.19 -10.02
N GLU C 180 3.68 12.09 -10.10
CA GLU C 180 4.43 12.54 -8.94
C GLU C 180 3.51 12.93 -7.77
N VAL C 181 2.48 13.71 -8.03
CA VAL C 181 1.59 14.09 -6.95
C VAL C 181 0.79 12.89 -6.48
N LEU C 182 0.16 12.23 -7.43
CA LEU C 182 -0.75 11.14 -7.15
C LEU C 182 -0.14 9.98 -6.40
N TYR C 183 1.01 9.58 -6.89
CA TYR C 183 1.63 8.36 -6.43
C TYR C 183 2.75 8.56 -5.41
N GLN C 184 3.77 9.24 -5.89
CA GLN C 184 4.99 9.42 -5.14
C GLN C 184 4.75 10.40 -3.97
N ALA C 185 3.74 11.24 -4.09
CA ALA C 185 3.44 12.21 -3.03
C ALA C 185 2.20 11.84 -2.19
N PHE C 186 1.06 11.69 -2.83
CA PHE C 186 -0.18 11.32 -2.12
C PHE C 186 -0.16 9.88 -1.63
N GLY C 187 0.37 8.96 -2.44
CA GLY C 187 0.41 7.58 -2.05
C GLY C 187 -0.80 6.73 -2.42
N LEU C 188 -1.65 7.25 -3.29
CA LEU C 188 -2.81 6.52 -3.81
C LEU C 188 -2.37 5.32 -4.60
N LYS C 189 -3.14 4.24 -4.58
CA LYS C 189 -2.68 3.02 -5.23
C LYS C 189 -2.63 3.10 -6.75
N MET C 190 -1.56 2.59 -7.35
CA MET C 190 -1.41 2.68 -8.80
C MET C 190 -2.19 1.55 -9.45
N GLN C 191 -2.72 1.78 -10.65
CA GLN C 191 -3.34 0.69 -11.40
C GLN C 191 -2.30 -0.40 -11.68
N PRO C 192 -2.56 -1.61 -11.17
CA PRO C 192 -1.62 -2.73 -11.29
C PRO C 192 -1.23 -3.06 -12.71
N GLU C 193 -2.21 -3.16 -13.61
CA GLU C 193 -1.93 -3.53 -14.97
C GLU C 193 -1.07 -2.44 -15.60
N GLN C 194 -1.33 -1.23 -15.13
CA GLN C 194 -0.72 -0.04 -15.65
C GLN C 194 0.67 0.09 -15.08
N GLN C 195 0.85 -0.52 -13.92
CA GLN C 195 2.09 -0.44 -13.16
C GLN C 195 3.17 -1.36 -13.69
N LYS C 196 2.76 -2.43 -14.37
CA LYS C 196 3.70 -3.43 -14.86
C LYS C 196 4.65 -2.84 -15.89
N LEU C 197 4.26 -1.69 -16.43
CA LEU C 197 5.00 -1.00 -17.46
C LEU C 197 6.16 -0.13 -16.99
N THR C 198 6.53 -0.23 -15.73
CA THR C 198 7.51 0.72 -15.19
C THR C 198 8.96 0.51 -15.68
N ALA C 199 9.32 -0.74 -15.98
CA ALA C 199 10.62 -1.03 -16.60
C ALA C 199 10.88 -0.19 -17.86
N LYS C 200 9.90 -0.19 -18.77
CA LYS C 200 9.98 0.45 -20.10
C LYS C 200 10.17 1.97 -20.04
N ALA C 201 10.27 2.61 -21.21
CA ALA C 201 10.46 4.06 -21.25
C ALA C 201 9.64 4.70 -22.35
N GLY C 202 9.18 5.94 -22.11
CA GLY C 202 8.33 6.65 -23.06
C GLY C 202 6.95 6.03 -23.13
N TRP C 203 5.95 6.84 -22.85
CA TRP C 203 4.55 6.40 -22.86
C TRP C 203 4.12 5.57 -24.04
N ALA C 204 3.48 4.45 -23.76
CA ALA C 204 3.02 3.56 -24.81
C ALA C 204 1.55 3.84 -25.04
N GLU C 205 1.14 3.88 -26.30
CA GLU C 205 -0.26 4.13 -26.63
C GLU C 205 -1.12 2.95 -26.16
N VAL C 206 -2.31 3.21 -25.63
CA VAL C 206 -3.21 2.12 -25.29
C VAL C 206 -4.29 1.93 -26.35
N LYS C 207 -4.50 0.69 -26.82
CA LYS C 207 -5.52 0.42 -27.83
C LYS C 207 -6.97 0.73 -27.45
N GLN C 208 -7.77 0.97 -28.48
CA GLN C 208 -9.14 1.45 -28.35
C GLN C 208 -9.95 0.53 -27.43
N GLU C 209 -9.49 -0.71 -27.30
CA GLU C 209 -10.23 -1.75 -26.60
C GLU C 209 -9.56 -2.19 -25.31
N GLU C 210 -8.25 -2.40 -25.34
CA GLU C 210 -7.48 -2.87 -24.19
C GLU C 210 -7.34 -1.79 -23.10
N ILE C 211 -8.19 -0.77 -23.19
CA ILE C 211 -8.29 0.30 -22.20
C ILE C 211 -8.97 -0.17 -20.93
N GLU C 212 -9.92 -1.09 -21.02
CA GLU C 212 -10.61 -1.56 -19.83
C GLU C 212 -9.62 -2.21 -18.90
N LYS C 213 -8.58 -2.79 -19.49
CA LYS C 213 -7.57 -3.49 -18.73
C LYS C 213 -6.92 -2.52 -17.73
N TYR C 214 -6.69 -1.29 -18.19
CA TYR C 214 -5.86 -0.32 -17.47
C TYR C 214 -6.72 0.62 -16.67
N ALA C 215 -8.03 0.39 -16.72
CA ALA C 215 -8.98 1.29 -16.10
C ALA C 215 -9.06 1.01 -14.62
N GLY C 216 -8.93 2.07 -13.83
CA GLY C 216 -9.01 1.98 -12.38
C GLY C 216 -10.38 2.26 -11.80
N ASP C 217 -10.43 2.22 -10.46
CA ASP C 217 -11.59 2.64 -9.68
C ASP C 217 -11.82 4.09 -10.00
N TYR C 218 -10.75 4.85 -10.09
CA TYR C 218 -10.81 6.25 -10.52
C TYR C 218 -9.82 6.41 -11.67
N ILE C 219 -10.07 7.39 -12.54
CA ILE C 219 -9.15 7.62 -13.66
C ILE C 219 -8.78 9.08 -13.81
N VAL C 220 -7.51 9.35 -13.97
CA VAL C 220 -7.05 10.70 -14.19
C VAL C 220 -6.28 10.94 -15.51
N SER C 221 -6.78 11.85 -16.36
CA SER C 221 -6.20 12.15 -17.68
C SER C 221 -5.58 13.55 -17.73
N THR C 222 -4.38 13.67 -18.30
CA THR C 222 -3.72 14.99 -18.51
C THR C 222 -3.55 15.38 -19.98
N SER C 223 -3.06 16.62 -20.16
CA SER C 223 -2.80 17.28 -21.45
C SER C 223 -4.04 17.46 -22.31
N GLU C 224 -4.97 18.25 -21.81
CA GLU C 224 -6.15 18.67 -22.57
C GLU C 224 -6.03 20.09 -23.15
N GLY C 225 -4.86 20.72 -22.97
CA GLY C 225 -4.56 22.02 -23.55
C GLY C 225 -4.65 22.10 -25.05
N LYS C 226 -3.54 21.86 -25.74
CA LYS C 226 -3.40 21.99 -27.21
C LYS C 226 -4.22 21.00 -28.10
N PRO C 227 -4.28 19.71 -27.71
CA PRO C 227 -5.22 18.76 -28.35
C PRO C 227 -6.73 19.03 -28.16
N THR C 228 -7.41 19.41 -29.24
CA THR C 228 -8.89 19.53 -29.38
C THR C 228 -9.79 18.93 -28.27
N PRO C 229 -10.94 19.58 -27.96
CA PRO C 229 -11.69 18.92 -26.88
C PRO C 229 -12.41 17.70 -27.40
N GLY C 230 -11.88 17.06 -28.44
CA GLY C 230 -12.47 15.94 -29.16
C GLY C 230 -13.87 15.56 -28.74
N TYR C 231 -14.03 14.28 -28.44
CA TYR C 231 -15.26 13.76 -27.85
C TYR C 231 -15.18 14.01 -26.36
N GLU C 232 -14.28 14.91 -25.96
CA GLU C 232 -13.93 15.13 -24.57
C GLU C 232 -13.32 13.83 -24.05
N SER C 233 -14.13 13.05 -23.33
CA SER C 233 -13.70 11.76 -22.82
C SER C 233 -14.94 10.91 -22.60
N THR C 234 -15.63 10.56 -23.71
CA THR C 234 -16.83 9.70 -23.66
C THR C 234 -17.21 9.02 -25.01
N ASN C 235 -16.21 8.63 -25.79
CA ASN C 235 -16.44 7.89 -27.03
C ASN C 235 -15.92 6.48 -26.78
N MET C 236 -16.82 5.63 -26.27
CA MET C 236 -16.57 4.23 -25.89
C MET C 236 -16.16 4.07 -24.41
N TRP C 237 -15.93 5.18 -23.70
CA TRP C 237 -15.66 5.13 -22.27
C TRP C 237 -16.96 4.87 -21.54
N LYS C 238 -18.03 4.65 -22.28
CA LYS C 238 -19.36 4.54 -21.70
C LYS C 238 -19.44 3.26 -20.86
N ASN C 239 -18.66 2.25 -21.23
CA ASN C 239 -18.71 0.95 -20.57
C ASN C 239 -17.80 0.88 -19.33
N LEU C 240 -16.81 1.77 -19.27
CA LEU C 240 -15.82 1.78 -18.18
C LEU C 240 -16.41 1.95 -16.78
N LYS C 241 -15.81 1.23 -15.84
CA LYS C 241 -16.20 1.29 -14.43
C LYS C 241 -16.00 2.70 -13.83
N ALA C 242 -14.85 3.31 -14.07
CA ALA C 242 -14.56 4.60 -13.46
C ALA C 242 -15.53 5.68 -13.94
N THR C 243 -15.78 5.69 -15.25
CA THR C 243 -16.71 6.65 -15.87
C THR C 243 -18.09 6.52 -15.27
N LYS C 244 -18.59 5.29 -15.16
CA LYS C 244 -19.90 5.00 -14.58
C LYS C 244 -20.08 5.61 -13.18
N GLU C 245 -18.98 5.80 -12.46
CA GLU C 245 -19.07 6.31 -11.11
C GLU C 245 -18.67 7.79 -10.99
N GLY C 246 -18.29 8.39 -12.11
CA GLY C 246 -17.92 9.78 -12.08
C GLY C 246 -16.56 9.88 -11.45
N HIS C 247 -15.84 8.77 -11.56
CA HIS C 247 -14.49 8.68 -11.04
C HIS C 247 -13.51 9.08 -12.14
N ILE C 248 -13.93 10.02 -12.98
CA ILE C 248 -13.00 10.60 -13.93
C ILE C 248 -12.63 11.99 -13.47
N VAL C 249 -11.36 12.27 -13.62
CA VAL C 249 -10.80 13.54 -13.24
C VAL C 249 -9.81 14.01 -14.32
N LYS C 250 -9.99 15.25 -14.79
CA LYS C 250 -9.06 15.80 -15.77
C LYS C 250 -8.15 16.71 -14.98
N VAL C 251 -6.93 16.88 -15.44
CA VAL C 251 -5.99 17.69 -14.70
C VAL C 251 -6.26 19.03 -15.35
N ASP C 252 -6.32 20.08 -14.56
CA ASP C 252 -6.75 21.35 -15.10
C ASP C 252 -5.74 21.81 -16.14
N ALA C 253 -6.28 22.13 -17.31
CA ALA C 253 -5.53 22.50 -18.50
C ALA C 253 -4.63 23.66 -18.18
N GLY C 254 -5.16 24.58 -17.38
CA GLY C 254 -4.54 25.86 -17.07
C GLY C 254 -3.09 25.87 -16.61
N THR C 255 -2.51 24.68 -16.42
CA THR C 255 -1.13 24.59 -16.02
C THR C 255 -0.32 23.84 -17.08
N TYR C 256 0.81 24.43 -17.47
CA TYR C 256 1.64 23.96 -18.58
C TYR C 256 2.51 22.75 -18.14
N TRP C 257 1.97 21.91 -17.25
CA TRP C 257 2.80 20.98 -16.43
C TRP C 257 4.02 21.67 -15.89
N TYR C 258 3.91 22.94 -15.52
CA TYR C 258 5.05 23.53 -14.84
C TYR C 258 5.20 22.71 -13.58
N ASN C 259 6.43 22.33 -13.28
CA ASN C 259 6.70 21.49 -12.14
C ASN C 259 7.24 22.31 -10.99
N ASP C 260 6.95 23.61 -11.04
CA ASP C 260 7.44 24.48 -9.99
C ASP C 260 6.47 24.38 -8.81
N PRO C 261 7.03 24.44 -7.60
CA PRO C 261 6.36 24.28 -6.31
C PRO C 261 4.95 24.88 -6.22
N TYR C 262 4.72 25.92 -6.99
CA TYR C 262 3.41 26.56 -7.01
C TYR C 262 2.41 25.69 -7.78
N THR C 263 2.81 25.36 -9.00
CA THR C 263 2.03 24.51 -9.90
C THR C 263 1.77 23.16 -9.26
N LEU C 264 2.77 22.64 -8.55
CA LEU C 264 2.65 21.40 -7.79
C LEU C 264 1.62 21.55 -6.70
N ASP C 265 1.79 22.58 -5.87
CA ASP C 265 0.87 22.86 -4.78
C ASP C 265 -0.53 23.08 -5.29
N PHE C 266 -0.62 23.60 -6.51
CA PHE C 266 -1.94 23.79 -7.08
C PHE C 266 -2.53 22.43 -7.45
N MET C 267 -1.74 21.60 -8.12
CA MET C 267 -2.21 20.26 -8.47
C MET C 267 -2.54 19.48 -7.23
N ARG C 268 -1.76 19.69 -6.17
CA ARG C 268 -2.04 19.02 -4.91
C ARG C 268 -3.49 19.28 -4.52
N LYS C 269 -3.85 20.55 -4.32
CA LYS C 269 -5.23 20.90 -3.97
C LYS C 269 -6.26 20.32 -4.93
N ASP C 270 -6.14 20.71 -6.19
CA ASP C 270 -7.10 20.37 -7.24
C ASP C 270 -7.42 18.88 -7.34
N LEU C 271 -6.36 18.08 -7.47
CA LEU C 271 -6.50 16.63 -7.56
C LEU C 271 -7.25 16.11 -6.37
N LYS C 272 -6.78 16.48 -5.18
CA LYS C 272 -7.43 16.13 -3.93
C LYS C 272 -8.90 16.49 -3.96
N GLU C 273 -9.17 17.76 -4.26
CA GLU C 273 -10.53 18.24 -4.39
C GLU C 273 -11.35 17.34 -5.29
N LYS C 274 -10.93 17.26 -6.56
CA LYS C 274 -11.68 16.52 -7.58
C LYS C 274 -11.91 15.08 -7.17
N LEU C 275 -10.90 14.50 -6.54
CA LEU C 275 -10.96 13.10 -6.15
C LEU C 275 -11.91 12.89 -5.00
N ILE C 276 -11.72 13.64 -3.93
CA ILE C 276 -12.57 13.43 -2.76
C ILE C 276 -14.01 13.66 -3.17
N LYS C 277 -14.19 14.68 -4.01
CA LYS C 277 -15.52 14.99 -4.53
C LYS C 277 -16.03 13.82 -5.35
N ALA C 278 -15.16 13.27 -6.17
CA ALA C 278 -15.56 12.21 -7.10
C ALA C 278 -16.12 10.97 -6.39
N ALA C 279 -15.81 10.81 -5.12
CA ALA C 279 -16.17 9.61 -4.40
C ALA C 279 -17.59 9.62 -3.88
N LYS C 280 -18.50 10.29 -4.59
CA LYS C 280 -19.92 10.40 -4.21
C LYS C 280 -20.12 10.96 -2.82
#